data_8H0D
#
_entry.id   8H0D
#
_cell.length_a   65.671
_cell.length_b   72.130
_cell.length_c   83.489
_cell.angle_alpha   90.000
_cell.angle_beta   101.610
_cell.angle_gamma   90.000
#
_symmetry.space_group_name_H-M   'P 1 21 1'
#
loop_
_entity.id
_entity.type
_entity.pdbx_description
1 polymer 'SGNH/GDSL hydrolase family protein'
2 non-polymer 'DOCOSA-4,7,10,13,16,19-HEXAENOIC ACID'
3 non-polymer 3-PYRIDINIUM-1-YLPROPANE-1-SULFONATE
4 non-polymer 'MAGNESIUM ION'
5 water water
#
_entity_poly.entity_id   1
_entity_poly.type   'polypeptide(L)'
_entity_poly.pdbx_seq_one_letter_code
;MGMMKKTITLLTALLPLASAIAEEPTLSPAMVSAAEVVSAQENQTYTYVRCWYRTSHSKDDAATDWKWAKNQDGSDFTID
GYWWSSVSFKNMFYTNTSQNVIRQRCEETLDLANENADITFFAADNRYSYNHTIWSNDAAMQPDQINKVVALGDSLSDTG
NIFNASQWRFPNPNSWFLGHFSNGFVWTEYVAKAKNLPLYNWAVGGAAGENQYIALTGVGEQVSSYLTYTKLAKNYNPAN
TLFTLEFGLNDFMNYNRSVPEVKADYAEALIRLTDAGAKNFMLMTLPDATKAPQFKYSTQEEIETIRAKVLKMNEFIKAQ
AMYYKAQGYNIALFDTHALFEKLTSAPEEHGFVNASDPCLDINRSSSVDYMYTHSLRSECAASGADKFVFWDVTHPTTAT
HRYVAEKMLESSNNLEEFRFHHHHHH
;
_entity_poly.pdbx_strand_id   A,B
#
loop_
_chem_comp.id
_chem_comp.type
_chem_comp.name
_chem_comp.formula
1PS non-polymer 3-PYRIDINIUM-1-YLPROPANE-1-SULFONATE 'C8 H11 N O3 S'
HXA non-polymer 'DOCOSA-4,7,10,13,16,19-HEXAENOIC ACID' 'C22 H32 O2'
MG non-polymer 'MAGNESIUM ION' 'Mg 2'
#
# COMPACT_ATOMS: atom_id res chain seq x y z
N MET A 31 9.13 9.47 10.26
CA MET A 31 8.31 8.81 9.23
C MET A 31 6.83 9.09 9.48
N VAL A 32 6.44 9.22 10.76
CA VAL A 32 5.09 9.48 11.26
C VAL A 32 5.26 10.59 12.31
N SER A 33 4.42 11.66 12.28
CA SER A 33 4.59 12.73 13.27
C SER A 33 4.12 12.27 14.66
N ALA A 34 4.62 12.93 15.72
CA ALA A 34 4.26 12.64 17.12
C ALA A 34 2.74 12.71 17.32
N ALA A 35 2.09 13.69 16.67
CA ALA A 35 0.64 13.94 16.71
C ALA A 35 -0.12 12.75 16.10
N GLU A 36 0.35 12.24 14.94
CA GLU A 36 -0.24 11.10 14.23
C GLU A 36 -0.17 9.84 15.09
N VAL A 37 0.97 9.65 15.82
CA VAL A 37 1.26 8.47 16.64
C VAL A 37 0.28 8.36 17.83
N VAL A 38 0.13 9.44 18.63
CA VAL A 38 -0.77 9.39 19.79
C VAL A 38 -2.23 9.18 19.34
N SER A 39 -2.68 9.94 18.31
CA SER A 39 -4.03 9.88 17.73
C SER A 39 -4.42 8.43 17.31
N ALA A 40 -3.49 7.74 16.64
CA ALA A 40 -3.67 6.36 16.22
C ALA A 40 -3.71 5.42 17.44
N GLN A 41 -2.78 5.61 18.41
CA GLN A 41 -2.68 4.78 19.62
C GLN A 41 -3.87 4.92 20.58
N GLU A 42 -4.48 6.13 20.62
CA GLU A 42 -5.64 6.44 21.47
C GLU A 42 -6.94 5.96 20.85
N ASN A 43 -6.93 5.61 19.53
CA ASN A 43 -8.12 5.10 18.84
C ASN A 43 -8.29 3.60 19.21
N GLN A 44 -8.64 3.34 20.49
CA GLN A 44 -8.79 1.99 21.04
C GLN A 44 -10.08 1.29 20.64
N THR A 45 -9.97 -0.01 20.32
CA THR A 45 -11.07 -0.90 19.90
C THR A 45 -10.68 -2.36 20.19
N TYR A 46 -11.40 -3.30 19.63
CA TYR A 46 -11.12 -4.73 19.77
C TYR A 46 -11.31 -5.42 18.43
N THR A 47 -10.80 -6.65 18.32
CA THR A 47 -10.92 -7.48 17.12
C THR A 47 -10.87 -8.96 17.51
N TYR A 48 -11.12 -9.84 16.54
CA TYR A 48 -11.14 -11.29 16.74
C TYR A 48 -9.88 -11.92 16.18
N VAL A 49 -9.65 -13.21 16.46
CA VAL A 49 -8.45 -13.92 16.03
C VAL A 49 -8.82 -15.12 15.19
N ARG A 50 -8.30 -15.16 13.96
CA ARG A 50 -8.47 -16.26 13.02
C ARG A 50 -7.28 -17.20 13.27
N CYS A 51 -7.57 -18.46 13.64
CA CYS A 51 -6.56 -19.48 13.91
C CYS A 51 -6.48 -20.40 12.71
N TRP A 52 -5.35 -20.43 12.01
CA TRP A 52 -5.16 -21.29 10.85
C TRP A 52 -4.37 -22.53 11.22
N TYR A 53 -4.60 -23.64 10.49
CA TYR A 53 -3.92 -24.91 10.78
C TYR A 53 -3.85 -25.79 9.55
N ARG A 54 -2.83 -26.67 9.49
CA ARG A 54 -2.68 -27.67 8.45
C ARG A 54 -3.76 -28.70 8.73
N THR A 55 -4.59 -29.03 7.72
CA THR A 55 -5.67 -30.01 7.90
C THR A 55 -5.17 -31.45 8.00
N SER A 56 -4.13 -31.79 7.23
CA SER A 56 -3.54 -33.13 7.23
C SER A 56 -2.47 -33.27 8.31
N HIS A 57 -2.18 -34.53 8.70
CA HIS A 57 -1.12 -34.82 9.67
C HIS A 57 0.24 -34.86 8.96
N SER A 58 0.22 -34.90 7.60
CA SER A 58 1.41 -34.97 6.75
C SER A 58 1.79 -33.64 6.18
N LYS A 59 3.10 -33.35 6.15
CA LYS A 59 3.60 -32.12 5.56
C LYS A 59 3.64 -32.22 4.02
N ASP A 60 3.21 -33.38 3.44
CA ASP A 60 3.05 -33.61 2.00
C ASP A 60 1.82 -32.86 1.50
N ASP A 61 0.90 -32.52 2.42
CA ASP A 61 -0.35 -31.83 2.11
C ASP A 61 -0.28 -30.43 2.71
N ALA A 62 -0.24 -29.45 1.82
CA ALA A 62 -0.13 -28.03 2.13
C ALA A 62 -1.46 -27.38 2.54
N ALA A 63 -2.60 -28.05 2.26
CA ALA A 63 -3.94 -27.50 2.56
C ALA A 63 -4.13 -27.05 4.02
N THR A 64 -4.78 -25.88 4.20
CA THR A 64 -5.06 -25.30 5.51
C THR A 64 -6.54 -24.91 5.62
N ASP A 65 -6.98 -24.66 6.86
CA ASP A 65 -8.32 -24.19 7.20
C ASP A 65 -8.18 -23.35 8.45
N TRP A 66 -9.26 -22.65 8.85
CA TRP A 66 -9.24 -21.78 10.02
C TRP A 66 -10.48 -21.90 10.88
N LYS A 67 -10.38 -21.39 12.11
CA LYS A 67 -11.45 -21.31 13.09
C LYS A 67 -11.24 -20.03 13.89
N TRP A 68 -12.32 -19.43 14.40
CA TRP A 68 -12.22 -18.26 15.28
C TRP A 68 -11.67 -18.70 16.63
N ALA A 69 -10.75 -17.92 17.24
CA ALA A 69 -10.22 -18.26 18.56
C ALA A 69 -11.34 -18.11 19.61
N LYS A 70 -11.40 -19.05 20.55
CA LYS A 70 -12.40 -19.00 21.61
C LYS A 70 -11.71 -19.07 22.97
N ASN A 71 -12.43 -18.64 24.03
CA ASN A 71 -12.00 -18.76 25.42
C ASN A 71 -12.51 -20.13 25.90
N GLN A 72 -11.89 -20.71 26.96
CA GLN A 72 -12.27 -22.04 27.51
C GLN A 72 -13.77 -22.19 27.85
N ASP A 73 -14.47 -21.07 28.13
CA ASP A 73 -15.91 -21.06 28.41
C ASP A 73 -16.78 -21.12 27.12
N GLY A 74 -16.13 -21.03 25.95
CA GLY A 74 -16.80 -21.09 24.66
C GLY A 74 -17.13 -19.75 24.02
N SER A 75 -16.93 -18.64 24.75
CA SER A 75 -17.17 -17.31 24.19
C SER A 75 -16.02 -16.96 23.19
N ASP A 76 -16.28 -16.00 22.26
CA ASP A 76 -15.30 -15.53 21.29
C ASP A 76 -14.10 -14.90 21.99
N PHE A 77 -12.91 -15.15 21.47
CA PHE A 77 -11.73 -14.54 22.03
C PHE A 77 -11.50 -13.22 21.30
N THR A 78 -11.38 -12.13 22.06
CA THR A 78 -11.11 -10.81 21.46
C THR A 78 -9.81 -10.27 22.01
N ILE A 79 -9.16 -9.40 21.22
CA ILE A 79 -7.98 -8.68 21.64
C ILE A 79 -8.27 -7.19 21.53
N ASP A 80 -7.82 -6.43 22.51
CA ASP A 80 -7.97 -4.98 22.54
C ASP A 80 -6.76 -4.32 21.92
N GLY A 81 -6.95 -3.15 21.33
CA GLY A 81 -5.85 -2.40 20.73
C GLY A 81 -6.27 -1.42 19.67
N TYR A 82 -5.33 -1.07 18.78
CA TYR A 82 -5.56 -0.10 17.70
C TYR A 82 -5.00 -0.55 16.36
N TRP A 83 -5.65 -0.07 15.28
CA TRP A 83 -5.28 -0.32 13.91
C TRP A 83 -4.40 0.80 13.34
N TRP A 84 -3.55 0.48 12.39
CA TRP A 84 -2.81 1.49 11.64
C TRP A 84 -2.25 0.91 10.38
N SER A 85 -2.31 1.71 9.30
CA SER A 85 -1.75 1.39 8.01
C SER A 85 -1.14 2.66 7.41
N SER A 86 -0.07 2.51 6.63
CA SER A 86 0.56 3.62 5.95
C SER A 86 -0.26 3.94 4.68
N VAL A 87 0.37 4.53 3.65
CA VAL A 87 -0.30 4.81 2.36
C VAL A 87 -0.60 3.49 1.63
N SER A 88 0.18 2.42 1.95
CA SER A 88 0.14 1.06 1.40
C SER A 88 -1.16 0.31 1.68
N PHE A 89 -1.75 0.61 2.85
CA PHE A 89 -3.00 0.06 3.39
C PHE A 89 -2.92 -1.42 3.73
N LYS A 90 -1.81 -1.82 4.31
CA LYS A 90 -1.71 -3.13 4.94
C LYS A 90 -1.95 -2.76 6.41
N ASN A 91 -3.13 -3.09 6.94
CA ASN A 91 -3.51 -2.80 8.32
C ASN A 91 -2.91 -3.77 9.30
N MET A 92 -2.24 -3.22 10.32
CA MET A 92 -1.66 -3.99 11.40
C MET A 92 -2.44 -3.66 12.67
N PHE A 93 -2.73 -4.68 13.52
CA PHE A 93 -3.40 -4.48 14.79
C PHE A 93 -2.36 -4.55 15.90
N TYR A 94 -2.28 -3.50 16.73
CA TYR A 94 -1.31 -3.41 17.83
C TYR A 94 -2.04 -3.69 19.13
N THR A 95 -1.61 -4.74 19.85
CA THR A 95 -2.23 -5.15 21.11
C THR A 95 -1.22 -5.30 22.23
N ASN A 96 -1.70 -5.18 23.49
CA ASN A 96 -0.89 -5.41 24.67
C ASN A 96 -0.86 -6.91 25.01
N THR A 97 -1.79 -7.68 24.45
CA THR A 97 -1.86 -9.14 24.64
C THR A 97 -0.64 -9.78 23.92
N SER A 98 0.10 -10.65 24.64
CA SER A 98 1.30 -11.29 24.11
C SER A 98 0.97 -12.34 23.03
N GLN A 99 1.95 -12.64 22.19
CA GLN A 99 1.84 -13.65 21.14
C GLN A 99 1.65 -15.03 21.73
N ASN A 100 2.30 -15.32 22.89
CA ASN A 100 2.19 -16.60 23.61
C ASN A 100 0.75 -16.89 24.04
N VAL A 101 0.05 -15.86 24.58
CA VAL A 101 -1.35 -15.95 25.00
C VAL A 101 -2.27 -16.25 23.81
N ILE A 102 -2.10 -15.49 22.71
CA ILE A 102 -2.92 -15.67 21.51
C ILE A 102 -2.68 -17.09 20.93
N ARG A 103 -1.39 -17.51 20.85
CA ARG A 103 -0.99 -18.87 20.40
C ARG A 103 -1.75 -19.94 21.20
N GLN A 104 -1.66 -19.88 22.52
CA GLN A 104 -2.29 -20.78 23.51
C GLN A 104 -3.80 -20.89 23.32
N ARG A 105 -4.46 -19.77 23.05
CA ARG A 105 -5.89 -19.69 22.74
C ARG A 105 -6.22 -20.45 21.47
N CYS A 106 -5.38 -20.30 20.41
CA CYS A 106 -5.55 -21.01 19.13
C CYS A 106 -5.35 -22.53 19.32
N GLU A 107 -4.28 -22.94 20.02
CA GLU A 107 -3.98 -24.36 20.31
C GLU A 107 -5.12 -25.01 21.10
N GLU A 108 -5.71 -24.26 22.07
CA GLU A 108 -6.82 -24.76 22.87
C GLU A 108 -8.11 -24.79 22.07
N THR A 109 -8.36 -23.77 21.20
CA THR A 109 -9.59 -23.70 20.40
C THR A 109 -9.63 -24.83 19.38
N LEU A 110 -8.53 -25.03 18.66
CA LEU A 110 -8.39 -26.05 17.61
C LEU A 110 -8.40 -27.46 18.18
N ASP A 111 -7.75 -27.68 19.35
CA ASP A 111 -7.69 -28.97 20.05
C ASP A 111 -7.39 -30.13 19.08
N LEU A 112 -6.29 -29.99 18.37
CA LEU A 112 -5.81 -30.92 17.37
C LEU A 112 -4.74 -31.67 18.10
N ALA A 113 -4.61 -32.89 17.79
CA ALA A 113 -3.55 -33.70 18.33
C ALA A 113 -2.70 -33.97 17.07
N ASN A 114 -2.29 -32.88 16.38
CA ASN A 114 -1.55 -32.93 15.13
C ASN A 114 -0.23 -32.22 15.35
N GLU A 115 0.88 -32.96 15.29
CA GLU A 115 2.21 -32.39 15.48
C GLU A 115 2.62 -31.49 14.31
N ASN A 116 1.93 -31.64 13.17
CA ASN A 116 2.16 -30.87 11.95
C ASN A 116 1.08 -29.81 11.71
N ALA A 117 0.29 -29.48 12.75
CA ALA A 117 -0.78 -28.46 12.69
C ALA A 117 -0.26 -27.13 12.18
N ASP A 118 1.00 -26.81 12.54
CA ASP A 118 1.69 -25.61 12.07
C ASP A 118 0.81 -24.36 12.15
N ILE A 119 0.23 -24.13 13.33
CA ILE A 119 -0.71 -23.04 13.63
C ILE A 119 -0.11 -21.66 13.43
N THR A 120 -0.87 -20.79 12.77
CA THR A 120 -0.58 -19.36 12.58
C THR A 120 -1.89 -18.61 12.86
N PHE A 121 -1.79 -17.33 13.27
CA PHE A 121 -2.98 -16.56 13.65
C PHE A 121 -2.92 -15.11 13.19
N PHE A 122 -4.09 -14.50 12.95
CA PHE A 122 -4.18 -13.12 12.45
C PHE A 122 -5.37 -12.41 13.08
N ALA A 123 -5.40 -11.07 12.99
CA ALA A 123 -6.53 -10.27 13.48
C ALA A 123 -7.53 -10.17 12.31
N ALA A 124 -8.82 -10.20 12.63
CA ALA A 124 -9.91 -10.09 11.65
C ALA A 124 -11.21 -9.78 12.38
N ASP A 125 -11.91 -8.73 11.91
CA ASP A 125 -13.20 -8.33 12.47
C ASP A 125 -14.31 -9.32 12.09
N ASN A 126 -14.26 -9.93 10.89
CA ASN A 126 -15.26 -10.90 10.39
C ASN A 126 -14.78 -11.70 9.19
N ARG A 127 -15.70 -12.47 8.54
CA ARG A 127 -15.42 -13.35 7.41
C ARG A 127 -14.97 -12.59 6.16
N TYR A 128 -15.31 -11.27 6.07
CA TYR A 128 -14.90 -10.45 4.93
C TYR A 128 -13.47 -10.00 5.08
N SER A 129 -12.98 -9.86 6.32
CA SER A 129 -11.63 -9.39 6.60
C SER A 129 -10.57 -10.33 6.07
N TYR A 130 -9.44 -9.74 5.67
CA TYR A 130 -8.25 -10.46 5.24
C TYR A 130 -7.42 -10.80 6.49
N ASN A 131 -6.26 -11.39 6.32
CA ASN A 131 -5.39 -11.76 7.42
C ASN A 131 -4.48 -10.60 7.81
N HIS A 132 -4.77 -9.96 8.92
CA HIS A 132 -3.96 -8.85 9.40
C HIS A 132 -2.99 -9.34 10.44
N THR A 133 -1.74 -8.90 10.31
CA THR A 133 -0.73 -9.24 11.31
C THR A 133 -1.08 -8.52 12.64
N ILE A 134 -0.90 -9.21 13.74
CA ILE A 134 -1.05 -8.68 15.07
C ILE A 134 0.35 -8.39 15.59
N TRP A 135 0.59 -7.14 16.00
CA TRP A 135 1.84 -6.74 16.64
C TRP A 135 1.58 -6.71 18.15
N SER A 136 2.34 -7.51 18.95
CA SER A 136 2.22 -7.47 20.41
C SER A 136 3.20 -6.41 20.93
N ASN A 137 2.65 -5.31 21.44
CA ASN A 137 3.44 -4.19 21.97
C ASN A 137 4.23 -4.63 23.19
N ASP A 138 5.47 -4.20 23.27
CA ASP A 138 6.37 -4.49 24.38
C ASP A 138 6.01 -3.68 25.62
N ALA A 139 6.48 -4.16 26.78
CA ALA A 139 6.33 -3.46 28.05
C ALA A 139 7.45 -2.41 28.13
N ALA A 140 7.22 -1.31 28.88
CA ALA A 140 8.20 -0.24 29.09
C ALA A 140 9.42 -0.78 29.84
N MET A 141 9.19 -1.75 30.75
CA MET A 141 10.18 -2.48 31.52
C MET A 141 10.55 -3.67 30.62
N GLN A 142 11.66 -3.55 29.91
CA GLN A 142 12.11 -4.56 28.97
C GLN A 142 13.53 -4.94 29.31
N PRO A 143 13.84 -6.24 29.57
CA PRO A 143 15.24 -6.59 29.81
C PRO A 143 16.03 -6.46 28.49
N ASP A 144 17.34 -6.18 28.58
CA ASP A 144 18.18 -6.05 27.40
C ASP A 144 18.48 -7.44 26.81
N GLN A 145 17.54 -7.91 25.96
CA GLN A 145 17.58 -9.20 25.28
C GLN A 145 16.60 -9.17 24.13
N ILE A 146 16.88 -9.98 23.11
CA ILE A 146 16.03 -10.10 21.94
C ILE A 146 14.68 -10.66 22.40
N ASN A 147 13.59 -10.05 21.90
CA ASN A 147 12.24 -10.44 22.28
C ASN A 147 11.35 -10.56 21.03
N LYS A 148 11.94 -10.42 19.82
CA LYS A 148 11.23 -10.52 18.52
C LYS A 148 12.20 -10.67 17.35
N VAL A 149 11.69 -11.22 16.26
CA VAL A 149 12.43 -11.39 15.00
C VAL A 149 11.74 -10.56 13.95
N VAL A 150 12.52 -9.75 13.19
CA VAL A 150 12.00 -8.97 12.07
C VAL A 150 12.70 -9.48 10.82
N ALA A 151 11.90 -10.03 9.86
CA ALA A 151 12.45 -10.59 8.63
C ALA A 151 12.31 -9.69 7.40
N LEU A 152 13.38 -9.56 6.63
CA LEU A 152 13.38 -8.81 5.36
C LEU A 152 13.96 -9.73 4.32
N GLY A 153 13.47 -9.64 3.10
CA GLY A 153 13.94 -10.51 2.03
C GLY A 153 12.93 -10.84 0.96
N ASP A 154 13.03 -12.07 0.44
CA ASP A 154 12.22 -12.53 -0.68
C ASP A 154 11.36 -13.79 -0.33
N SER A 155 11.05 -14.66 -1.32
CA SER A 155 10.20 -15.83 -1.09
C SER A 155 10.86 -16.87 -0.21
N LEU A 156 12.15 -16.74 0.07
CA LEU A 156 12.79 -17.67 1.00
C LEU A 156 12.41 -17.31 2.46
N SER A 157 11.78 -16.13 2.68
CA SER A 157 11.35 -15.70 4.02
C SER A 157 9.88 -15.32 4.11
N ASP A 158 9.21 -15.03 2.98
CA ASP A 158 7.83 -14.59 3.01
C ASP A 158 6.88 -15.57 3.70
N THR A 159 6.08 -15.07 4.65
CA THR A 159 5.12 -15.87 5.41
C THR A 159 3.66 -15.60 4.99
N GLY A 160 3.45 -14.73 4.00
CA GLY A 160 2.10 -14.49 3.49
C GLY A 160 1.78 -13.10 3.00
N ASN A 161 2.80 -12.30 2.71
CA ASN A 161 2.56 -10.92 2.33
C ASN A 161 1.84 -10.72 0.99
N ILE A 162 1.84 -11.70 0.09
CA ILE A 162 1.14 -11.61 -1.19
C ILE A 162 -0.28 -12.21 -1.12
N PHE A 163 -0.49 -13.10 -0.13
CA PHE A 163 -1.72 -13.88 0.08
C PHE A 163 -3.04 -13.04 0.16
N ASN A 164 -3.06 -11.91 0.93
CA ASN A 164 -4.28 -11.07 1.01
C ASN A 164 -4.60 -10.37 -0.30
N ALA A 165 -3.54 -9.85 -0.97
CA ALA A 165 -3.62 -9.14 -2.24
C ALA A 165 -4.12 -10.06 -3.33
N SER A 166 -3.76 -11.36 -3.26
CA SER A 166 -4.17 -12.36 -4.25
C SER A 166 -5.56 -12.89 -3.96
N GLN A 167 -6.22 -12.32 -2.91
CA GLN A 167 -7.54 -12.75 -2.42
C GLN A 167 -7.52 -14.23 -2.03
N TRP A 168 -6.38 -14.68 -1.47
CA TRP A 168 -6.13 -16.05 -1.00
C TRP A 168 -6.13 -17.10 -2.13
N ARG A 169 -5.74 -16.72 -3.33
CA ARG A 169 -5.77 -17.64 -4.49
C ARG A 169 -4.37 -17.99 -5.00
N PHE A 170 -3.39 -17.14 -4.66
CA PHE A 170 -1.99 -17.29 -5.02
C PHE A 170 -1.02 -17.08 -3.82
N PRO A 171 0.01 -17.97 -3.61
CA PRO A 171 0.13 -19.28 -4.29
C PRO A 171 -1.10 -20.12 -3.87
N ASN A 172 -1.65 -20.97 -4.79
CA ASN A 172 -2.84 -21.81 -4.54
C ASN A 172 -2.72 -22.49 -3.17
N PRO A 173 -3.66 -22.20 -2.23
CA PRO A 173 -3.54 -22.74 -0.86
C PRO A 173 -3.69 -24.26 -0.73
N ASN A 174 -3.95 -25.02 -1.80
CA ASN A 174 -4.00 -26.48 -1.70
C ASN A 174 -2.62 -27.10 -1.95
N SER A 175 -1.75 -26.41 -2.71
CA SER A 175 -0.42 -26.92 -3.06
C SER A 175 0.76 -26.12 -2.45
N TRP A 176 0.47 -24.96 -1.85
CA TRP A 176 1.45 -24.10 -1.13
C TRP A 176 0.83 -23.72 0.20
N PHE A 177 1.61 -23.84 1.30
CA PHE A 177 1.14 -23.65 2.66
C PHE A 177 0.78 -22.19 3.03
N LEU A 178 -0.51 -21.87 3.02
CA LEU A 178 -1.05 -20.55 3.42
C LEU A 178 -0.12 -19.39 3.13
N GLY A 179 0.07 -19.13 1.84
CA GLY A 179 0.88 -17.99 1.38
C GLY A 179 2.39 -18.12 1.54
N HIS A 180 2.87 -19.26 2.06
CA HIS A 180 4.31 -19.50 2.13
C HIS A 180 4.62 -20.23 0.80
N PHE A 181 5.73 -19.87 0.15
CA PHE A 181 6.12 -20.57 -1.07
C PHE A 181 6.91 -21.84 -0.66
N SER A 182 6.21 -22.79 0.00
CA SER A 182 6.75 -24.06 0.49
C SER A 182 5.56 -24.90 0.94
N ASN A 183 5.83 -26.11 1.46
CA ASN A 183 4.79 -27.00 2.00
C ASN A 183 4.57 -26.78 3.51
N GLY A 184 5.21 -25.76 4.07
CA GLY A 184 5.10 -25.41 5.47
C GLY A 184 5.89 -24.17 5.79
N PHE A 185 6.35 -24.09 7.06
CA PHE A 185 7.11 -22.95 7.59
C PHE A 185 8.41 -22.71 6.85
N VAL A 186 8.83 -21.46 6.81
CA VAL A 186 10.11 -21.08 6.22
C VAL A 186 11.16 -21.00 7.33
N TRP A 187 12.45 -20.87 6.99
CA TRP A 187 13.56 -20.86 7.96
C TRP A 187 13.41 -19.84 9.12
N THR A 188 12.88 -18.63 8.84
CA THR A 188 12.72 -17.58 9.87
C THR A 188 11.72 -18.01 10.91
N GLU A 189 10.66 -18.73 10.49
CA GLU A 189 9.65 -19.25 11.41
C GLU A 189 10.25 -20.32 12.29
N TYR A 190 11.11 -21.21 11.74
CA TYR A 190 11.76 -22.23 12.58
C TYR A 190 12.72 -21.60 13.60
N VAL A 191 13.49 -20.60 13.17
CA VAL A 191 14.41 -19.84 14.05
C VAL A 191 13.63 -19.18 15.19
N ALA A 192 12.57 -18.39 14.86
CA ALA A 192 11.73 -17.69 15.84
C ALA A 192 11.11 -18.69 16.86
N LYS A 193 10.56 -19.82 16.37
CA LYS A 193 9.98 -20.86 17.21
C LYS A 193 11.01 -21.49 18.14
N ALA A 194 12.22 -21.75 17.66
CA ALA A 194 13.31 -22.34 18.44
C ALA A 194 13.66 -21.46 19.64
N LYS A 195 13.55 -20.13 19.47
CA LYS A 195 13.85 -19.16 20.51
C LYS A 195 12.60 -18.65 21.22
N ASN A 196 11.40 -19.17 20.84
CA ASN A 196 10.09 -18.81 21.39
C ASN A 196 9.84 -17.29 21.24
N LEU A 197 10.13 -16.75 20.05
CA LEU A 197 9.95 -15.33 19.85
C LEU A 197 8.92 -15.07 18.78
N PRO A 198 8.21 -13.93 18.83
CA PRO A 198 7.33 -13.57 17.71
C PRO A 198 8.18 -13.20 16.49
N LEU A 199 7.60 -13.39 15.31
CA LEU A 199 8.22 -13.09 14.05
C LEU A 199 7.34 -12.11 13.31
N TYR A 200 7.90 -10.98 12.87
CA TYR A 200 7.17 -9.99 12.07
C TYR A 200 7.85 -9.92 10.73
N ASN A 201 7.09 -10.26 9.68
CA ASN A 201 7.61 -10.41 8.33
C ASN A 201 7.36 -9.27 7.33
N TRP A 202 8.45 -8.79 6.72
CA TRP A 202 8.36 -7.78 5.66
C TRP A 202 8.83 -8.37 4.31
N ALA A 203 9.37 -9.60 4.33
CA ALA A 203 9.84 -10.28 3.13
C ALA A 203 8.72 -10.56 2.13
N VAL A 204 9.07 -10.57 0.82
CA VAL A 204 8.22 -10.86 -0.36
C VAL A 204 9.10 -11.02 -1.62
N GLY A 205 8.92 -12.11 -2.35
CA GLY A 205 9.71 -12.44 -3.54
C GLY A 205 9.16 -11.99 -4.88
N GLY A 206 9.73 -12.54 -5.97
CA GLY A 206 9.36 -12.19 -7.33
C GLY A 206 9.36 -13.33 -8.33
N ALA A 207 10.06 -14.45 -8.02
CA ALA A 207 10.17 -15.61 -8.91
C ALA A 207 8.81 -16.24 -9.27
N ALA A 208 7.78 -16.01 -8.43
CA ALA A 208 6.46 -16.60 -8.65
C ALA A 208 5.48 -15.63 -9.31
N GLY A 209 5.94 -14.43 -9.68
CA GLY A 209 5.07 -13.42 -10.27
C GLY A 209 4.33 -12.62 -9.22
N GLU A 210 4.91 -12.55 -8.01
CA GLU A 210 4.37 -11.77 -6.89
C GLU A 210 4.18 -10.30 -7.27
N ASN A 211 5.11 -9.73 -8.10
CA ASN A 211 5.05 -8.31 -8.50
C ASN A 211 3.83 -7.96 -9.35
N GLN A 212 2.97 -8.96 -9.64
CA GLN A 212 1.71 -8.74 -10.34
C GLN A 212 0.60 -8.47 -9.30
N TYR A 213 0.88 -8.65 -7.98
CA TYR A 213 -0.10 -8.50 -6.92
C TYR A 213 0.19 -7.34 -5.96
N ILE A 214 1.48 -7.06 -5.70
CA ILE A 214 1.95 -5.96 -4.85
C ILE A 214 3.19 -5.32 -5.53
N ALA A 215 3.22 -3.99 -5.57
CA ALA A 215 4.29 -3.26 -6.26
C ALA A 215 5.62 -3.23 -5.50
N LEU A 216 5.60 -2.55 -4.34
CA LEU A 216 6.74 -2.21 -3.49
C LEU A 216 7.35 -3.41 -2.79
N THR A 217 8.08 -4.26 -3.55
CA THR A 217 8.73 -5.50 -3.05
C THR A 217 10.27 -5.43 -2.80
N GLY A 218 10.93 -4.35 -3.24
CA GLY A 218 12.36 -4.15 -3.05
C GLY A 218 12.72 -4.05 -1.57
N VAL A 219 13.96 -4.49 -1.16
CA VAL A 219 14.41 -4.41 0.24
C VAL A 219 14.28 -2.98 0.81
N GLY A 220 14.52 -1.98 -0.04
CA GLY A 220 14.43 -0.57 0.36
C GLY A 220 13.04 -0.19 0.84
N GLU A 221 12.02 -0.67 0.13
CA GLU A 221 10.61 -0.44 0.44
C GLU A 221 10.24 -1.19 1.71
N GLN A 222 10.82 -2.39 1.91
CA GLN A 222 10.57 -3.20 3.11
C GLN A 222 11.13 -2.48 4.35
N VAL A 223 12.34 -1.96 4.25
CA VAL A 223 12.96 -1.15 5.34
C VAL A 223 12.10 0.07 5.68
N SER A 224 11.59 0.79 4.65
CA SER A 224 10.77 1.98 4.83
C SER A 224 9.49 1.62 5.54
N SER A 225 8.88 0.50 5.13
CA SER A 225 7.64 -0.01 5.72
C SER A 225 7.86 -0.35 7.19
N TYR A 226 8.93 -1.11 7.48
CA TYR A 226 9.29 -1.48 8.86
C TYR A 226 9.47 -0.23 9.75
N LEU A 227 10.17 0.81 9.25
CA LEU A 227 10.40 2.05 9.98
C LEU A 227 9.10 2.79 10.24
N THR A 228 8.19 2.76 9.26
CA THR A 228 6.90 3.42 9.36
C THR A 228 6.01 2.71 10.43
N TYR A 229 5.81 1.40 10.29
CA TYR A 229 4.99 0.61 11.23
C TYR A 229 5.53 0.57 12.67
N THR A 230 6.85 0.57 12.86
CA THR A 230 7.38 0.50 14.22
C THR A 230 7.30 1.83 14.98
N LYS A 231 6.99 2.95 14.30
CA LYS A 231 6.79 4.25 14.96
C LYS A 231 5.45 4.24 15.67
N LEU A 232 4.53 3.35 15.22
CA LEU A 232 3.21 3.23 15.86
C LEU A 232 3.20 2.25 17.02
N ALA A 233 4.26 1.41 17.12
CA ALA A 233 4.41 0.46 18.23
C ALA A 233 4.70 1.21 19.52
N LYS A 234 4.27 0.65 20.65
CA LYS A 234 4.53 1.24 21.97
C LYS A 234 5.78 0.61 22.57
N ASN A 235 6.59 1.42 23.27
CA ASN A 235 7.83 1.02 23.98
C ASN A 235 8.76 0.21 23.07
N TYR A 236 8.87 0.62 21.80
CA TYR A 236 9.68 -0.12 20.86
C TYR A 236 11.14 0.21 20.99
N ASN A 237 11.95 -0.82 21.32
CA ASN A 237 13.40 -0.65 21.40
C ASN A 237 14.03 -1.49 20.28
N PRO A 238 14.53 -0.83 19.19
CA PRO A 238 15.12 -1.58 18.07
C PRO A 238 16.31 -2.47 18.43
N ALA A 239 17.02 -2.18 19.55
CA ALA A 239 18.15 -2.97 20.05
C ALA A 239 17.73 -4.41 20.46
N ASN A 240 16.41 -4.64 20.73
CA ASN A 240 15.86 -5.94 21.15
C ASN A 240 15.22 -6.74 20.00
N THR A 241 15.48 -6.31 18.75
CA THR A 241 14.99 -6.99 17.57
C THR A 241 16.11 -7.81 16.94
N LEU A 242 15.83 -9.06 16.59
CA LEU A 242 16.78 -9.85 15.82
C LEU A 242 16.34 -9.67 14.37
N PHE A 243 17.20 -9.04 13.55
CA PHE A 243 16.88 -8.83 12.15
C PHE A 243 17.45 -9.95 11.28
N THR A 244 16.62 -10.48 10.35
CA THR A 244 17.11 -11.44 9.37
C THR A 244 17.03 -10.76 8.02
N LEU A 245 18.08 -10.94 7.21
CA LEU A 245 18.12 -10.32 5.90
C LEU A 245 18.68 -11.28 4.87
N GLU A 246 17.95 -11.51 3.80
CA GLU A 246 18.40 -12.32 2.67
C GLU A 246 17.76 -11.79 1.43
N PHE A 247 18.59 -11.37 0.50
CA PHE A 247 18.09 -10.69 -0.66
C PHE A 247 19.14 -10.71 -1.77
N GLY A 248 18.67 -10.61 -3.01
CA GLY A 248 19.56 -10.56 -4.18
C GLY A 248 19.21 -11.57 -5.24
N LEU A 249 18.68 -12.75 -4.86
CA LEU A 249 18.33 -13.77 -5.84
C LEU A 249 17.21 -13.34 -6.78
N ASN A 250 16.19 -12.65 -6.25
CA ASN A 250 15.06 -12.10 -7.02
C ASN A 250 15.60 -11.15 -8.10
N ASP A 251 16.50 -10.24 -7.70
CA ASP A 251 17.15 -9.25 -8.57
C ASP A 251 17.94 -9.89 -9.70
N PHE A 252 18.81 -10.86 -9.37
CA PHE A 252 19.61 -11.61 -10.34
C PHE A 252 18.76 -12.52 -11.27
N MET A 253 17.82 -13.30 -10.72
CA MET A 253 16.99 -14.25 -11.47
C MET A 253 15.89 -13.59 -12.30
N ASN A 254 15.13 -12.66 -11.70
CA ASN A 254 13.95 -12.06 -12.32
C ASN A 254 14.13 -10.69 -12.96
N TYR A 255 15.00 -9.81 -12.41
CA TYR A 255 15.13 -8.46 -12.99
C TYR A 255 16.46 -8.17 -13.71
N ASN A 256 17.33 -9.21 -13.90
CA ASN A 256 18.64 -9.10 -14.55
C ASN A 256 19.42 -7.86 -14.02
N ARG A 257 19.42 -7.68 -12.69
CA ARG A 257 20.09 -6.54 -12.09
C ARG A 257 21.57 -6.77 -12.00
N SER A 258 22.35 -5.68 -12.12
CA SER A 258 23.79 -5.79 -12.06
C SER A 258 24.21 -6.07 -10.60
N VAL A 259 25.38 -6.67 -10.42
CA VAL A 259 25.98 -6.95 -9.13
C VAL A 259 26.18 -5.61 -8.33
N PRO A 260 26.75 -4.53 -8.90
CA PRO A 260 26.89 -3.31 -8.07
C PRO A 260 25.56 -2.73 -7.55
N GLU A 261 24.45 -2.82 -8.32
CA GLU A 261 23.22 -2.24 -7.82
C GLU A 261 22.60 -3.06 -6.70
N VAL A 262 22.82 -4.39 -6.71
CA VAL A 262 22.29 -5.24 -5.65
C VAL A 262 23.15 -5.06 -4.40
N LYS A 263 24.49 -4.99 -4.57
CA LYS A 263 25.41 -4.68 -3.48
C LYS A 263 25.04 -3.37 -2.82
N ALA A 264 24.75 -2.33 -3.62
CA ALA A 264 24.40 -1.00 -3.09
C ALA A 264 23.11 -1.02 -2.31
N ASP A 265 22.11 -1.77 -2.79
CA ASP A 265 20.85 -1.90 -2.03
C ASP A 265 21.07 -2.64 -0.71
N TYR A 266 21.91 -3.70 -0.70
CA TYR A 266 22.16 -4.49 0.51
C TYR A 266 22.87 -3.58 1.52
N ALA A 267 23.91 -2.86 1.09
CA ALA A 267 24.62 -1.93 1.97
C ALA A 267 23.68 -0.85 2.51
N GLU A 268 22.79 -0.31 1.64
CA GLU A 268 21.83 0.75 2.03
C GLU A 268 20.86 0.26 3.11
N ALA A 269 20.33 -0.99 2.97
CA ALA A 269 19.45 -1.60 3.98
C ALA A 269 20.13 -1.66 5.34
N LEU A 270 21.40 -2.13 5.40
CA LEU A 270 22.14 -2.19 6.67
C LEU A 270 22.45 -0.80 7.21
N ILE A 271 22.78 0.18 6.34
CA ILE A 271 23.04 1.56 6.79
C ILE A 271 21.76 2.12 7.44
N ARG A 272 20.62 2.01 6.72
CA ARG A 272 19.33 2.50 7.19
C ARG A 272 18.91 1.83 8.50
N LEU A 273 19.02 0.50 8.58
CA LEU A 273 18.62 -0.23 9.79
C LEU A 273 19.50 0.11 10.99
N THR A 274 20.85 0.12 10.82
CA THR A 274 21.75 0.45 11.93
C THR A 274 21.61 1.91 12.37
N ASP A 275 21.30 2.82 11.44
CA ASP A 275 21.07 4.21 11.79
C ASP A 275 19.77 4.39 12.56
N ALA A 276 18.86 3.41 12.43
CA ALA A 276 17.56 3.37 13.10
C ALA A 276 17.58 2.52 14.39
N GLY A 277 18.78 2.26 14.93
CA GLY A 277 18.98 1.53 16.18
C GLY A 277 19.08 0.03 16.12
N ALA A 278 19.13 -0.58 14.93
CA ALA A 278 19.27 -2.03 14.82
C ALA A 278 20.67 -2.45 15.27
N LYS A 279 20.78 -3.54 16.03
CA LYS A 279 22.07 -3.98 16.60
C LYS A 279 22.37 -5.45 16.34
N ASN A 280 21.33 -6.26 16.05
CA ASN A 280 21.42 -7.71 15.93
C ASN A 280 20.97 -8.21 14.60
N PHE A 281 21.87 -8.93 13.89
CA PHE A 281 21.60 -9.41 12.55
C PHE A 281 21.98 -10.85 12.30
N MET A 282 21.11 -11.56 11.57
CA MET A 282 21.36 -12.88 11.02
C MET A 282 21.51 -12.61 9.53
N LEU A 283 22.76 -12.70 9.06
CA LEU A 283 23.11 -12.49 7.66
C LEU A 283 23.49 -13.82 7.02
N MET A 284 23.31 -13.92 5.70
CA MET A 284 23.61 -15.19 5.02
C MET A 284 24.00 -15.03 3.59
N THR A 285 24.87 -15.91 3.13
CA THR A 285 25.30 -15.97 1.74
C THR A 285 24.18 -16.61 0.93
N LEU A 286 24.12 -16.28 -0.34
CA LEU A 286 23.05 -16.76 -1.20
C LEU A 286 23.40 -18.12 -1.78
N PRO A 287 22.47 -19.10 -1.64
CA PRO A 287 22.73 -20.41 -2.28
C PRO A 287 22.73 -20.24 -3.81
N ASP A 288 23.46 -21.10 -4.51
CA ASP A 288 23.47 -21.05 -5.96
C ASP A 288 22.09 -21.51 -6.49
N ALA A 289 21.21 -20.52 -6.71
CA ALA A 289 19.83 -20.69 -7.21
C ALA A 289 19.76 -21.43 -8.54
N THR A 290 20.84 -21.42 -9.35
CA THR A 290 20.87 -22.14 -10.63
C THR A 290 20.80 -23.66 -10.45
N LYS A 291 20.96 -24.16 -9.19
CA LYS A 291 20.83 -25.60 -8.91
C LYS A 291 19.36 -25.96 -8.70
N ALA A 292 18.44 -24.96 -8.67
CA ALA A 292 16.99 -25.21 -8.53
C ALA A 292 16.38 -25.85 -9.80
N PRO A 293 15.31 -26.67 -9.69
CA PRO A 293 14.72 -27.31 -10.89
C PRO A 293 14.30 -26.40 -12.04
N GLN A 294 13.95 -25.13 -11.77
CA GLN A 294 13.53 -24.23 -12.86
C GLN A 294 14.63 -23.98 -13.88
N PHE A 295 15.91 -24.15 -13.49
CA PHE A 295 17.04 -23.89 -14.40
C PHE A 295 17.27 -25.08 -15.38
N LYS A 296 16.52 -26.17 -15.24
CA LYS A 296 16.54 -27.27 -16.22
C LYS A 296 16.06 -26.70 -17.55
N TYR A 297 15.18 -25.68 -17.48
CA TYR A 297 14.53 -25.01 -18.60
C TYR A 297 15.20 -23.70 -18.99
N SER A 298 16.35 -23.37 -18.39
CA SER A 298 17.09 -22.18 -18.76
C SER A 298 18.28 -22.53 -19.63
N THR A 299 18.77 -21.57 -20.41
CA THR A 299 19.94 -21.75 -21.25
C THR A 299 21.19 -21.71 -20.38
N GLN A 300 22.27 -22.41 -20.79
CA GLN A 300 23.55 -22.45 -20.05
C GLN A 300 24.13 -21.03 -19.84
N GLU A 301 24.00 -20.16 -20.84
CA GLU A 301 24.44 -18.76 -20.81
C GLU A 301 23.71 -18.01 -19.66
N GLU A 302 22.38 -18.21 -19.52
CA GLU A 302 21.59 -17.61 -18.44
C GLU A 302 22.10 -18.13 -17.07
N ILE A 303 22.33 -19.48 -16.97
CA ILE A 303 22.81 -20.15 -15.74
C ILE A 303 24.17 -19.60 -15.27
N GLU A 304 25.15 -19.59 -16.18
CA GLU A 304 26.50 -19.13 -15.89
C GLU A 304 26.53 -17.66 -15.45
N THR A 305 25.67 -16.79 -16.05
CA THR A 305 25.54 -15.37 -15.68
C THR A 305 25.03 -15.28 -14.24
N ILE A 306 23.94 -16.00 -13.90
CA ILE A 306 23.35 -15.95 -12.55
C ILE A 306 24.36 -16.50 -11.49
N ARG A 307 24.96 -17.66 -11.77
CA ARG A 307 25.92 -18.29 -10.85
C ARG A 307 27.09 -17.35 -10.51
N ALA A 308 27.65 -16.65 -11.54
CA ALA A 308 28.74 -15.73 -11.36
C ALA A 308 28.34 -14.52 -10.49
N LYS A 309 27.12 -13.99 -10.69
CA LYS A 309 26.62 -12.85 -9.89
C LYS A 309 26.47 -13.24 -8.42
N VAL A 310 25.98 -14.47 -8.16
CA VAL A 310 25.82 -15.02 -6.81
C VAL A 310 27.16 -15.08 -6.10
N LEU A 311 28.20 -15.56 -6.80
CA LEU A 311 29.55 -15.65 -6.21
C LEU A 311 30.13 -14.28 -5.80
N LYS A 312 29.98 -13.24 -6.64
CA LYS A 312 30.50 -11.90 -6.28
C LYS A 312 29.66 -11.29 -5.15
N MET A 313 28.33 -11.51 -5.17
CA MET A 313 27.47 -11.00 -4.11
C MET A 313 27.84 -11.61 -2.76
N ASN A 314 28.18 -12.91 -2.75
CA ASN A 314 28.54 -13.63 -1.52
C ASN A 314 29.80 -13.10 -0.87
N GLU A 315 30.79 -12.73 -1.69
CA GLU A 315 32.02 -12.13 -1.17
C GLU A 315 31.71 -10.77 -0.52
N PHE A 316 30.80 -9.98 -1.12
CA PHE A 316 30.34 -8.66 -0.59
C PHE A 316 29.54 -8.86 0.71
N ILE A 317 28.67 -9.89 0.74
CA ILE A 317 27.92 -10.17 1.97
C ILE A 317 28.90 -10.45 3.14
N LYS A 318 29.96 -11.23 2.90
CA LYS A 318 30.96 -11.54 3.93
C LYS A 318 31.72 -10.29 4.39
N ALA A 319 32.09 -9.41 3.43
CA ALA A 319 32.78 -8.15 3.72
C ALA A 319 31.90 -7.23 4.59
N GLN A 320 30.59 -7.14 4.25
CA GLN A 320 29.61 -6.35 4.98
C GLN A 320 29.41 -6.89 6.41
N ALA A 321 29.27 -8.24 6.58
CA ALA A 321 29.14 -8.87 7.90
C ALA A 321 30.34 -8.51 8.77
N MET A 322 31.55 -8.61 8.21
CA MET A 322 32.82 -8.26 8.86
C MET A 322 32.91 -6.78 9.19
N TYR A 323 32.40 -5.91 8.29
CA TYR A 323 32.40 -4.45 8.46
C TYR A 323 31.55 -4.07 9.69
N TYR A 324 30.33 -4.63 9.80
CA TYR A 324 29.45 -4.37 10.95
C TYR A 324 29.95 -5.02 12.24
N LYS A 325 30.50 -6.24 12.15
CA LYS A 325 31.11 -6.97 13.28
C LYS A 325 32.28 -6.14 13.88
N ALA A 326 33.14 -5.55 13.00
CA ALA A 326 34.27 -4.70 13.43
C ALA A 326 33.80 -3.47 14.20
N GLN A 327 32.57 -3.00 13.90
CA GLN A 327 31.99 -1.83 14.57
C GLN A 327 31.26 -2.14 15.89
N GLY A 328 31.15 -3.42 16.27
CA GLY A 328 30.52 -3.81 17.52
C GLY A 328 29.09 -4.28 17.44
N TYR A 329 28.56 -4.46 16.22
CA TYR A 329 27.21 -4.96 16.02
C TYR A 329 27.22 -6.47 16.24
N ASN A 330 26.06 -7.02 16.58
CA ASN A 330 25.93 -8.48 16.79
C ASN A 330 25.51 -9.08 15.49
N ILE A 331 26.47 -9.73 14.83
CA ILE A 331 26.27 -10.30 13.51
C ILE A 331 26.46 -11.79 13.53
N ALA A 332 25.52 -12.51 12.98
CA ALA A 332 25.67 -13.95 12.82
C ALA A 332 25.67 -14.15 11.31
N LEU A 333 26.77 -14.65 10.76
CA LEU A 333 26.87 -14.89 9.34
C LEU A 333 26.85 -16.39 9.05
N PHE A 334 25.86 -16.84 8.27
CA PHE A 334 25.77 -18.25 7.90
C PHE A 334 26.08 -18.42 6.41
N ASP A 335 26.95 -19.37 6.08
CA ASP A 335 27.29 -19.64 4.69
C ASP A 335 26.29 -20.65 4.10
N THR A 336 25.12 -20.16 3.69
CA THR A 336 24.08 -20.99 3.08
C THR A 336 24.57 -21.56 1.74
N HIS A 337 25.43 -20.80 1.03
CA HIS A 337 25.99 -21.23 -0.27
C HIS A 337 26.75 -22.53 -0.15
N ALA A 338 27.68 -22.61 0.83
CA ALA A 338 28.49 -23.81 1.09
C ALA A 338 27.63 -24.97 1.56
N LEU A 339 26.60 -24.70 2.38
CA LEU A 339 25.65 -25.74 2.84
C LEU A 339 24.91 -26.32 1.64
N PHE A 340 24.37 -25.43 0.77
CA PHE A 340 23.59 -25.81 -0.39
C PHE A 340 24.37 -26.65 -1.40
N GLU A 341 25.68 -26.31 -1.59
CA GLU A 341 26.61 -27.06 -2.46
C GLU A 341 26.76 -28.49 -1.96
N LYS A 342 26.85 -28.68 -0.62
CA LYS A 342 26.97 -30.02 0.00
C LYS A 342 25.66 -30.79 -0.13
N LEU A 343 24.53 -30.11 0.12
CA LEU A 343 23.19 -30.69 0.06
C LEU A 343 22.86 -31.27 -1.32
N THR A 344 23.29 -30.58 -2.39
CA THR A 344 23.02 -30.96 -3.77
C THR A 344 24.02 -31.95 -4.32
N SER A 345 25.25 -31.94 -3.81
CA SER A 345 26.28 -32.88 -4.28
C SER A 345 26.09 -34.28 -3.66
N ALA A 346 25.60 -34.34 -2.41
CA ALA A 346 25.38 -35.60 -1.72
C ALA A 346 24.15 -35.49 -0.76
N PRO A 347 22.90 -35.37 -1.31
CA PRO A 347 21.72 -35.26 -0.44
C PRO A 347 21.55 -36.38 0.57
N GLU A 348 21.98 -37.62 0.21
CA GLU A 348 21.88 -38.81 1.05
C GLU A 348 22.61 -38.64 2.40
N GLU A 349 23.67 -37.83 2.43
CA GLU A 349 24.47 -37.53 3.61
C GLU A 349 23.77 -36.51 4.52
N HIS A 350 22.67 -35.87 4.04
CA HIS A 350 21.98 -34.80 4.77
C HIS A 350 20.50 -35.02 5.02
N GLY A 351 20.05 -36.27 4.85
CA GLY A 351 18.67 -36.69 5.09
C GLY A 351 17.71 -36.51 3.93
N PHE A 352 18.25 -36.39 2.70
CA PHE A 352 17.42 -36.22 1.50
C PHE A 352 17.71 -37.26 0.45
N VAL A 353 16.72 -37.60 -0.37
CA VAL A 353 16.89 -38.58 -1.45
C VAL A 353 17.03 -37.88 -2.80
N ASN A 354 16.45 -36.66 -2.93
CA ASN A 354 16.45 -35.95 -4.19
C ASN A 354 16.67 -34.45 -3.99
N ALA A 355 17.68 -33.90 -4.70
CA ALA A 355 18.05 -32.47 -4.66
C ALA A 355 17.91 -31.82 -6.03
N SER A 356 17.47 -32.58 -7.05
CA SER A 356 17.37 -32.07 -8.43
C SER A 356 15.98 -31.74 -8.90
N ASP A 357 14.98 -32.46 -8.40
CA ASP A 357 13.59 -32.33 -8.83
C ASP A 357 12.63 -31.73 -7.80
N PRO A 358 11.53 -31.07 -8.24
CA PRO A 358 10.56 -30.55 -7.26
C PRO A 358 9.80 -31.72 -6.67
N CYS A 359 9.23 -31.53 -5.49
CA CYS A 359 8.39 -32.59 -4.92
C CYS A 359 7.08 -32.63 -5.73
N LEU A 360 6.51 -31.44 -6.06
CA LEU A 360 5.28 -31.35 -6.87
C LEU A 360 5.56 -31.77 -8.31
N ASP A 361 4.55 -32.33 -8.99
CA ASP A 361 4.70 -32.78 -10.39
C ASP A 361 4.62 -31.61 -11.38
N ILE A 362 5.57 -30.67 -11.27
CA ILE A 362 5.73 -29.48 -12.09
C ILE A 362 6.97 -29.66 -12.94
N ASN A 363 6.78 -29.70 -14.27
CA ASN A 363 7.86 -30.01 -15.21
C ASN A 363 8.12 -28.94 -16.27
N ARG A 364 8.01 -27.69 -15.84
CA ARG A 364 8.21 -26.47 -16.63
C ARG A 364 8.38 -25.34 -15.63
N SER A 365 8.79 -24.16 -16.09
CA SER A 365 8.93 -22.98 -15.25
C SER A 365 7.90 -21.95 -15.81
N SER A 366 6.65 -22.00 -15.30
CA SER A 366 5.54 -21.12 -15.69
C SER A 366 4.81 -20.57 -14.44
N SER A 367 4.86 -19.24 -14.24
CA SER A 367 4.25 -18.57 -13.08
C SER A 367 2.76 -18.86 -12.92
N VAL A 368 2.07 -19.29 -14.01
CA VAL A 368 0.64 -19.61 -13.95
C VAL A 368 0.40 -20.88 -13.11
N ASP A 369 1.44 -21.75 -12.96
CA ASP A 369 1.32 -22.99 -12.16
C ASP A 369 1.06 -22.70 -10.67
N TYR A 370 1.44 -21.51 -10.16
CA TYR A 370 1.16 -21.10 -8.78
C TYR A 370 -0.34 -20.92 -8.50
N MET A 371 -1.17 -20.88 -9.55
CA MET A 371 -2.64 -20.72 -9.46
C MET A 371 -3.35 -22.06 -9.31
N TYR A 372 -2.65 -23.17 -9.52
CA TYR A 372 -3.30 -24.48 -9.49
C TYR A 372 -2.83 -25.42 -8.42
N THR A 373 -3.61 -26.50 -8.28
CA THR A 373 -3.38 -27.64 -7.40
C THR A 373 -2.53 -28.60 -8.24
N HIS A 374 -1.50 -29.18 -7.61
CA HIS A 374 -0.60 -30.13 -8.25
C HIS A 374 -0.46 -31.34 -7.38
N SER A 375 -0.40 -32.52 -8.01
CA SER A 375 -0.11 -33.73 -7.30
C SER A 375 1.40 -33.75 -7.07
N LEU A 376 1.84 -34.59 -6.13
CA LEU A 376 3.25 -34.82 -5.84
C LEU A 376 3.72 -35.82 -6.92
N ARG A 377 4.96 -35.70 -7.41
CA ARG A 377 5.45 -36.68 -8.38
C ARG A 377 5.66 -38.00 -7.63
N SER A 378 5.56 -39.14 -8.33
CA SER A 378 5.65 -40.45 -7.72
C SER A 378 6.81 -40.59 -6.72
N GLU A 379 8.05 -40.19 -7.12
CA GLU A 379 9.24 -40.29 -6.27
CA GLU A 379 9.22 -40.30 -6.26
C GLU A 379 9.00 -39.58 -4.92
N CYS A 380 8.35 -38.40 -4.95
CA CYS A 380 8.08 -37.64 -3.73
C CYS A 380 6.95 -38.21 -2.90
N ALA A 381 5.89 -38.68 -3.56
CA ALA A 381 4.77 -39.37 -2.91
C ALA A 381 5.31 -40.57 -2.12
N ALA A 382 6.28 -41.31 -2.72
CA ALA A 382 6.92 -42.50 -2.15
C ALA A 382 7.88 -42.19 -0.99
N SER A 383 8.81 -41.25 -1.18
CA SER A 383 9.78 -40.89 -0.15
C SER A 383 9.23 -39.98 0.95
N GLY A 384 8.21 -39.18 0.62
CA GLY A 384 7.63 -38.16 1.49
C GLY A 384 8.34 -36.85 1.19
N ALA A 385 7.65 -35.71 1.33
CA ALA A 385 8.18 -34.36 1.06
C ALA A 385 9.40 -33.96 1.92
N ASP A 386 9.56 -34.58 3.12
CA ASP A 386 10.69 -34.30 4.01
C ASP A 386 12.02 -34.85 3.47
N LYS A 387 12.00 -35.66 2.38
CA LYS A 387 13.21 -36.22 1.75
C LYS A 387 13.57 -35.50 0.44
N PHE A 388 12.81 -34.46 0.09
CA PHE A 388 13.08 -33.62 -1.09
C PHE A 388 13.60 -32.28 -0.67
N VAL A 389 14.63 -31.81 -1.40
CA VAL A 389 15.20 -30.51 -1.12
C VAL A 389 14.21 -29.42 -1.61
N PHE A 390 13.64 -29.61 -2.81
CA PHE A 390 12.74 -28.63 -3.43
C PHE A 390 11.29 -29.03 -3.43
N TRP A 391 10.41 -28.03 -3.16
CA TRP A 391 8.98 -28.27 -3.11
C TRP A 391 8.40 -28.08 -4.51
N ASP A 392 8.75 -26.95 -5.13
CA ASP A 392 8.32 -26.60 -6.47
C ASP A 392 9.60 -26.40 -7.32
N VAL A 393 9.51 -25.78 -8.51
CA VAL A 393 10.69 -25.58 -9.40
C VAL A 393 11.72 -24.55 -8.84
N THR A 394 11.34 -23.77 -7.83
CA THR A 394 12.22 -22.73 -7.31
C THR A 394 12.49 -22.84 -5.81
N HIS A 395 11.42 -23.11 -5.06
CA HIS A 395 11.39 -23.03 -3.63
C HIS A 395 11.69 -24.31 -2.88
N PRO A 396 12.42 -24.20 -1.76
CA PRO A 396 12.76 -25.42 -1.03
C PRO A 396 11.56 -25.92 -0.22
N THR A 397 11.59 -27.17 0.20
CA THR A 397 10.55 -27.75 1.04
C THR A 397 10.74 -27.20 2.46
N THR A 398 9.76 -27.42 3.32
CA THR A 398 9.86 -26.99 4.71
C THR A 398 10.94 -27.82 5.48
N ALA A 399 11.25 -29.08 5.03
CA ALA A 399 12.33 -29.87 5.64
C ALA A 399 13.65 -29.15 5.36
N THR A 400 13.83 -28.64 4.12
CA THR A 400 15.03 -27.87 3.76
C THR A 400 15.13 -26.59 4.60
N HIS A 401 14.02 -25.87 4.76
CA HIS A 401 13.97 -24.64 5.56
C HIS A 401 14.36 -24.94 7.02
N ARG A 402 13.86 -26.07 7.59
CA ARG A 402 14.17 -26.46 8.97
C ARG A 402 15.62 -26.84 9.10
N TYR A 403 16.13 -27.61 8.12
CA TYR A 403 17.54 -28.01 8.07
C TYR A 403 18.47 -26.77 8.04
N VAL A 404 18.10 -25.71 7.28
CA VAL A 404 18.90 -24.49 7.20
C VAL A 404 18.86 -23.76 8.56
N ALA A 405 17.63 -23.58 9.11
CA ALA A 405 17.37 -22.94 10.41
C ALA A 405 18.16 -23.63 11.52
N GLU A 406 18.20 -24.98 11.52
CA GLU A 406 18.93 -25.76 12.52
C GLU A 406 20.42 -25.58 12.35
N LYS A 407 20.92 -25.62 11.07
CA LYS A 407 22.34 -25.39 10.78
C LYS A 407 22.79 -24.00 11.18
N MET A 408 21.90 -23.00 11.07
CA MET A 408 22.17 -21.61 11.45
C MET A 408 22.27 -21.48 12.95
N LEU A 409 21.32 -22.10 13.67
CA LEU A 409 21.31 -22.09 15.12
C LEU A 409 22.55 -22.79 15.72
N GLU A 410 22.99 -23.94 15.13
CA GLU A 410 24.17 -24.70 15.55
C GLU A 410 25.44 -23.89 15.34
N SER A 411 25.69 -23.41 14.10
CA SER A 411 26.89 -22.64 13.73
C SER A 411 27.08 -21.37 14.56
N SER A 412 25.98 -20.74 14.97
CA SER A 412 26.01 -19.54 15.78
C SER A 412 25.91 -19.87 17.28
N ASN A 413 25.97 -21.20 17.65
CA ASN A 413 25.90 -21.75 19.02
C ASN A 413 24.66 -21.24 19.74
N ASN A 414 23.48 -21.68 19.22
CA ASN A 414 22.10 -21.28 19.58
C ASN A 414 22.02 -19.75 19.79
N LEU A 415 22.75 -19.02 18.88
CA LEU A 415 22.92 -17.58 18.78
C LEU A 415 23.69 -17.00 20.02
N GLU A 416 24.96 -17.44 20.18
CA GLU A 416 25.91 -17.16 21.27
C GLU A 416 26.27 -15.66 21.47
N GLU A 417 26.28 -14.86 20.39
CA GLU A 417 26.62 -13.44 20.48
C GLU A 417 25.36 -12.60 20.71
N PHE A 418 24.18 -13.24 20.64
CA PHE A 418 22.91 -12.57 20.89
C PHE A 418 22.42 -12.80 22.32
N ARG A 419 21.74 -11.80 22.90
CA ARG A 419 21.19 -11.94 24.24
C ARG A 419 19.73 -12.31 24.18
N PHE A 420 19.37 -13.43 24.85
CA PHE A 420 18.02 -13.98 24.94
C PHE A 420 17.62 -14.14 26.40
N VAL B 32 -16.09 40.83 -0.67
CA VAL B 32 -16.55 40.43 0.65
C VAL B 32 -15.77 41.18 1.74
N SER B 33 -16.39 42.24 2.26
CA SER B 33 -15.90 43.16 3.29
C SER B 33 -15.84 42.51 4.68
N ALA B 34 -15.11 43.14 5.63
CA ALA B 34 -14.98 42.67 7.01
C ALA B 34 -16.36 42.56 7.68
N ALA B 35 -17.27 43.52 7.37
CA ALA B 35 -18.64 43.57 7.87
C ALA B 35 -19.46 42.36 7.38
N GLU B 36 -19.31 42.00 6.09
CA GLU B 36 -19.97 40.86 5.46
C GLU B 36 -19.50 39.54 6.08
N VAL B 37 -18.19 39.44 6.45
CA VAL B 37 -17.57 38.25 7.05
C VAL B 37 -18.13 37.96 8.46
N VAL B 38 -18.18 38.97 9.36
CA VAL B 38 -18.73 38.73 10.71
C VAL B 38 -20.23 38.34 10.64
N SER B 39 -21.02 39.08 9.84
CA SER B 39 -22.46 38.86 9.60
C SER B 39 -22.75 37.42 9.15
N ALA B 40 -21.95 36.90 8.22
CA ALA B 40 -22.08 35.52 7.72
C ALA B 40 -21.68 34.51 8.81
N GLN B 41 -20.56 34.78 9.54
CA GLN B 41 -20.06 33.91 10.62
C GLN B 41 -21.00 33.82 11.84
N GLU B 42 -21.72 34.92 12.12
CA GLU B 42 -22.64 35.01 13.27
C GLU B 42 -24.00 34.44 12.93
N ASN B 43 -24.29 34.20 11.62
CA ASN B 43 -25.55 33.60 11.18
C ASN B 43 -25.47 32.11 11.46
N GLN B 44 -25.43 31.77 12.75
CA GLN B 44 -25.30 30.42 13.28
C GLN B 44 -26.57 29.64 13.11
N THR B 45 -26.41 28.38 12.79
CA THR B 45 -27.47 27.41 12.57
C THR B 45 -26.87 26.03 12.74
N TYR B 46 -27.61 25.02 12.31
CA TYR B 46 -27.17 23.64 12.38
C TYR B 46 -27.56 22.95 11.08
N THR B 47 -26.99 21.78 10.84
CA THR B 47 -27.28 20.95 9.67
C THR B 47 -27.03 19.49 10.01
N TYR B 48 -27.40 18.59 9.10
CA TYR B 48 -27.24 17.16 9.26
C TYR B 48 -26.04 16.66 8.44
N VAL B 49 -25.61 15.41 8.67
CA VAL B 49 -24.46 14.84 7.97
C VAL B 49 -24.91 13.61 7.18
N ARG B 50 -24.66 13.63 5.87
CA ARG B 50 -24.93 12.53 4.96
C ARG B 50 -23.64 11.71 4.93
N CYS B 51 -23.73 10.43 5.32
CA CYS B 51 -22.59 9.51 5.37
C CYS B 51 -22.70 8.60 4.16
N TRP B 52 -21.76 8.68 3.24
CA TRP B 52 -21.75 7.84 2.04
C TRP B 52 -20.79 6.66 2.24
N TYR B 53 -21.08 5.55 1.57
CA TYR B 53 -20.23 4.37 1.67
C TYR B 53 -20.35 3.50 0.43
N ARG B 54 -19.29 2.73 0.15
CA ARG B 54 -19.29 1.75 -0.93
C ARG B 54 -20.17 0.61 -0.43
N THR B 55 -21.18 0.20 -1.23
CA THR B 55 -22.11 -0.86 -0.83
C THR B 55 -21.46 -2.25 -0.84
N SER B 56 -20.60 -2.51 -1.79
CA SER B 56 -19.90 -3.79 -1.93
C SER B 56 -18.61 -3.83 -1.09
N HIS B 57 -18.15 -5.05 -0.76
CA HIS B 57 -16.88 -5.24 -0.07
C HIS B 57 -15.72 -5.19 -1.09
N SER B 58 -16.06 -5.24 -2.41
CA SER B 58 -15.10 -5.17 -3.52
C SER B 58 -14.97 -3.78 -4.14
N LYS B 59 -13.72 -3.37 -4.45
CA LYS B 59 -13.42 -2.09 -5.14
C LYS B 59 -13.78 -2.17 -6.63
N ASP B 60 -14.23 -3.33 -7.10
CA ASP B 60 -14.69 -3.57 -8.48
C ASP B 60 -16.06 -2.93 -8.68
N ASP B 61 -16.79 -2.69 -7.58
CA ASP B 61 -18.13 -2.13 -7.59
C ASP B 61 -18.08 -0.76 -7.02
N ALA B 62 -18.30 0.25 -7.91
CA ALA B 62 -18.23 1.67 -7.64
C ALA B 62 -19.48 2.19 -6.95
N ALA B 63 -20.62 1.43 -7.02
CA ALA B 63 -21.89 1.83 -6.40
C ALA B 63 -21.78 2.23 -4.91
N THR B 64 -22.46 3.31 -4.58
CA THR B 64 -22.49 3.86 -3.22
C THR B 64 -23.95 4.09 -2.78
N ASP B 65 -24.12 4.29 -1.48
CA ASP B 65 -25.38 4.63 -0.85
C ASP B 65 -25.05 5.48 0.36
N TRP B 66 -26.06 6.08 0.98
CA TRP B 66 -25.86 6.95 2.12
C TRP B 66 -26.88 6.72 3.22
N LYS B 67 -26.54 7.24 4.40
CA LYS B 67 -27.38 7.23 5.59
C LYS B 67 -27.08 8.51 6.34
N TRP B 68 -28.08 9.02 7.08
CA TRP B 68 -27.91 10.19 7.92
C TRP B 68 -27.06 9.78 9.13
N ALA B 69 -26.09 10.63 9.53
CA ALA B 69 -25.27 10.33 10.71
C ALA B 69 -26.16 10.37 11.96
N LYS B 70 -25.91 9.43 12.87
CA LYS B 70 -26.67 9.31 14.11
C LYS B 70 -25.73 9.34 15.30
N ASN B 71 -26.23 9.79 16.47
CA ASN B 71 -25.52 9.74 17.74
C ASN B 71 -25.73 8.30 18.26
N GLN B 72 -24.84 7.82 19.17
CA GLN B 72 -24.89 6.47 19.76
C GLN B 72 -26.28 6.07 20.32
N ASP B 73 -27.10 7.06 20.75
CA ASP B 73 -28.46 6.83 21.27
C ASP B 73 -29.51 6.67 20.15
N GLY B 74 -29.10 6.86 18.90
CA GLY B 74 -29.97 6.72 17.74
C GLY B 74 -30.61 7.99 17.22
N SER B 75 -30.46 9.11 17.96
CA SER B 75 -31.00 10.40 17.50
C SER B 75 -30.12 10.94 16.35
N ASP B 76 -30.68 11.86 15.52
CA ASP B 76 -29.96 12.50 14.40
C ASP B 76 -28.74 13.27 14.89
N PHE B 77 -27.64 13.15 14.15
CA PHE B 77 -26.44 13.89 14.47
C PHE B 77 -26.48 15.22 13.74
N THR B 78 -26.31 16.31 14.48
CA THR B 78 -26.27 17.64 13.89
C THR B 78 -24.95 18.32 14.18
N ILE B 79 -24.54 19.22 13.28
CA ILE B 79 -23.34 20.03 13.47
C ILE B 79 -23.78 21.49 13.45
N ASP B 80 -23.20 22.29 14.34
CA ASP B 80 -23.48 23.72 14.44
C ASP B 80 -22.48 24.48 13.59
N GLY B 81 -22.91 25.62 13.07
CA GLY B 81 -22.05 26.47 12.26
C GLY B 81 -22.78 27.41 11.34
N TYR B 82 -22.13 27.80 10.24
CA TYR B 82 -22.69 28.74 9.27
C TYR B 82 -22.44 28.33 7.80
N TRP B 83 -23.33 28.82 6.92
CA TRP B 83 -23.22 28.62 5.49
C TRP B 83 -22.58 29.81 4.84
N TRP B 84 -21.84 29.53 3.78
CA TRP B 84 -21.21 30.51 2.91
C TRP B 84 -22.31 31.45 2.39
N SER B 85 -23.42 30.87 1.91
CA SER B 85 -24.59 31.57 1.39
C SER B 85 -25.85 30.91 1.91
N SER B 86 -26.88 31.71 2.21
CA SER B 86 -28.17 31.21 2.68
C SER B 86 -29.02 30.69 1.51
N VAL B 87 -28.60 30.96 0.25
CA VAL B 87 -29.35 30.55 -0.95
C VAL B 87 -28.55 29.65 -1.94
N SER B 88 -27.28 29.97 -2.21
CA SER B 88 -26.43 29.28 -3.20
C SER B 88 -26.35 27.75 -3.06
N PHE B 89 -26.33 27.05 -4.22
CA PHE B 89 -26.20 25.61 -4.31
C PHE B 89 -24.73 25.25 -4.20
N LYS B 90 -23.86 26.17 -4.67
CA LYS B 90 -22.40 26.08 -4.55
C LYS B 90 -22.20 26.68 -3.16
N ASN B 91 -21.97 25.82 -2.18
CA ASN B 91 -21.88 26.29 -0.82
C ASN B 91 -20.81 25.58 0.01
N MET B 92 -20.71 25.95 1.29
CA MET B 92 -19.84 25.33 2.27
C MET B 92 -20.35 25.59 3.67
N PHE B 93 -20.33 24.55 4.53
CA PHE B 93 -20.73 24.69 5.92
C PHE B 93 -19.46 24.74 6.77
N TYR B 94 -19.32 25.79 7.59
CA TYR B 94 -18.16 25.97 8.45
C TYR B 94 -18.55 25.61 9.87
N THR B 95 -17.85 24.65 10.46
CA THR B 95 -18.13 24.19 11.83
C THR B 95 -16.86 24.15 12.67
N ASN B 96 -17.05 24.19 13.99
CA ASN B 96 -15.95 24.06 14.94
C ASN B 96 -15.71 22.56 15.22
N THR B 97 -16.70 21.69 14.87
CA THR B 97 -16.58 20.24 15.04
C THR B 97 -15.47 19.74 14.09
N SER B 98 -14.55 18.90 14.60
CA SER B 98 -13.44 18.38 13.81
C SER B 98 -13.88 17.33 12.80
N GLN B 99 -13.06 17.13 11.78
CA GLN B 99 -13.27 16.15 10.71
C GLN B 99 -13.25 14.72 11.30
N ASN B 100 -12.35 14.47 12.28
CA ASN B 100 -12.22 13.17 12.96
C ASN B 100 -13.52 12.76 13.66
N VAL B 101 -14.17 13.71 14.37
CA VAL B 101 -15.44 13.50 15.07
C VAL B 101 -16.57 13.13 14.08
N ILE B 102 -16.69 13.86 12.95
CA ILE B 102 -17.73 13.58 11.96
C ILE B 102 -17.52 12.20 11.31
N ARG B 103 -16.25 11.85 11.05
CA ARG B 103 -15.87 10.56 10.47
C ARG B 103 -16.25 9.43 11.39
N GLN B 104 -15.95 9.57 12.69
CA GLN B 104 -16.24 8.59 13.76
C GLN B 104 -17.75 8.36 13.89
N ARG B 105 -18.54 9.44 13.73
CA ARG B 105 -20.00 9.42 13.80
C ARG B 105 -20.57 8.63 12.61
N CYS B 106 -19.97 8.79 11.42
CA CYS B 106 -20.35 8.06 10.20
C CYS B 106 -19.98 6.58 10.30
N GLU B 107 -18.74 6.26 10.76
CA GLU B 107 -18.25 4.89 10.95
C GLU B 107 -19.12 4.13 11.93
N GLU B 108 -19.53 4.77 13.03
CA GLU B 108 -20.38 4.11 14.01
C GLU B 108 -21.84 3.98 13.52
N THR B 109 -22.36 5.00 12.81
CA THR B 109 -23.74 4.98 12.29
C THR B 109 -23.89 3.84 11.29
N LEU B 110 -22.97 3.76 10.33
CA LEU B 110 -22.98 2.76 9.26
C LEU B 110 -22.72 1.35 9.78
N ASP B 111 -21.78 1.19 10.75
CA ASP B 111 -21.41 -0.07 11.40
C ASP B 111 -21.25 -1.19 10.36
N LEU B 112 -20.35 -0.94 9.41
CA LEU B 112 -20.18 -1.83 8.25
C LEU B 112 -19.25 -3.02 8.33
N ALA B 113 -18.07 -2.93 8.99
CA ALA B 113 -17.01 -3.98 9.00
C ALA B 113 -16.63 -4.32 7.53
N ASN B 114 -16.48 -3.25 6.72
CA ASN B 114 -16.09 -3.31 5.31
C ASN B 114 -14.84 -2.49 5.21
N GLU B 115 -13.70 -3.13 4.88
CA GLU B 115 -12.43 -2.44 4.76
C GLU B 115 -12.40 -1.51 3.53
N ASN B 116 -13.34 -1.74 2.58
CA ASN B 116 -13.49 -0.96 1.36
C ASN B 116 -14.68 -0.01 1.38
N ALA B 117 -15.25 0.25 2.57
CA ALA B 117 -16.40 1.14 2.77
C ALA B 117 -16.13 2.53 2.16
N ASP B 118 -14.86 2.96 2.25
CA ASP B 118 -14.39 4.23 1.69
C ASP B 118 -15.35 5.38 1.98
N ILE B 119 -15.68 5.53 3.27
CA ILE B 119 -16.64 6.52 3.77
C ILE B 119 -16.24 7.95 3.49
N THR B 120 -17.21 8.74 3.02
CA THR B 120 -17.09 10.19 2.81
C THR B 120 -18.37 10.81 3.38
N PHE B 121 -18.30 12.07 3.81
CA PHE B 121 -19.42 12.73 4.46
C PHE B 121 -19.57 14.17 4.02
N PHE B 122 -20.81 14.67 4.06
CA PHE B 122 -21.13 16.06 3.64
C PHE B 122 -22.22 16.64 4.51
N ALA B 123 -22.38 17.98 4.47
CA ALA B 123 -23.46 18.64 5.18
C ALA B 123 -24.69 18.64 4.23
N ALA B 124 -25.90 18.43 4.79
CA ALA B 124 -27.17 18.44 4.07
C ALA B 124 -28.31 18.63 5.03
N ASP B 125 -29.20 19.59 4.74
CA ASP B 125 -30.38 19.88 5.54
C ASP B 125 -31.42 18.81 5.33
N ASN B 126 -31.48 18.25 4.08
CA ASN B 126 -32.42 17.19 3.68
C ASN B 126 -31.92 16.37 2.47
N ARG B 127 -32.77 15.44 1.95
CA ARG B 127 -32.45 14.55 0.82
C ARG B 127 -32.25 15.27 -0.53
N TYR B 128 -32.82 16.47 -0.71
CA TYR B 128 -32.70 17.23 -1.95
C TYR B 128 -31.41 18.07 -2.03
N SER B 129 -30.78 18.34 -0.86
CA SER B 129 -29.53 19.11 -0.76
C SER B 129 -28.40 18.40 -1.53
N TYR B 130 -27.51 19.19 -2.16
CA TYR B 130 -26.31 18.68 -2.85
C TYR B 130 -25.33 18.26 -1.75
N ASN B 131 -24.24 17.59 -2.10
CA ASN B 131 -23.25 17.15 -1.12
C ASN B 131 -22.35 18.34 -0.74
N HIS B 132 -22.71 19.08 0.31
CA HIS B 132 -21.93 20.27 0.68
C HIS B 132 -20.72 19.92 1.50
N THR B 133 -19.58 20.45 1.12
CA THR B 133 -18.35 20.23 1.89
C THR B 133 -18.49 20.91 3.27
N ILE B 134 -17.99 20.25 4.29
CA ILE B 134 -17.92 20.76 5.64
C ILE B 134 -16.49 21.21 5.86
N TRP B 135 -16.29 22.48 6.21
CA TRP B 135 -14.98 23.04 6.55
C TRP B 135 -14.89 23.05 8.08
N SER B 136 -13.89 22.35 8.67
CA SER B 136 -13.68 22.39 10.11
C SER B 136 -12.74 23.58 10.40
N ASN B 137 -13.27 24.62 11.04
CA ASN B 137 -12.53 25.85 11.37
C ASN B 137 -11.40 25.53 12.33
N ASP B 138 -10.23 26.12 12.07
CA ASP B 138 -9.03 25.98 12.91
C ASP B 138 -9.15 26.76 14.21
N ALA B 139 -8.31 26.37 15.18
CA ALA B 139 -8.19 27.05 16.46
C ALA B 139 -7.26 28.23 16.27
N ALA B 140 -7.42 29.30 17.08
CA ALA B 140 -6.59 30.51 17.04
C ALA B 140 -5.13 30.17 17.38
N MET B 141 -4.93 29.20 18.27
CA MET B 141 -3.65 28.65 18.67
C MET B 141 -3.38 27.49 17.69
N GLN B 142 -2.49 27.72 16.75
CA GLN B 142 -2.06 26.74 15.76
C GLN B 142 -0.55 26.61 15.76
N PRO B 143 0.00 25.38 15.80
CA PRO B 143 1.46 25.23 15.63
C PRO B 143 1.84 25.43 14.15
N ASP B 144 3.07 25.90 13.88
CA ASP B 144 3.52 26.11 12.52
C ASP B 144 3.86 24.77 11.84
N GLN B 145 2.82 24.14 11.27
CA GLN B 145 2.89 22.85 10.59
C GLN B 145 1.62 22.66 9.76
N ILE B 146 1.69 21.81 8.72
CA ILE B 146 0.57 21.48 7.83
C ILE B 146 -0.56 20.87 8.66
N ASN B 147 -1.81 21.37 8.50
CA ASN B 147 -2.99 20.87 9.21
C ASN B 147 -4.18 20.63 8.27
N LYS B 148 -3.97 20.75 6.93
CA LYS B 148 -5.01 20.52 5.90
C LYS B 148 -4.37 20.47 4.51
N VAL B 149 -5.08 19.83 3.58
CA VAL B 149 -4.67 19.74 2.19
C VAL B 149 -5.74 20.46 1.36
N VAL B 150 -5.30 21.33 0.44
CA VAL B 150 -6.20 22.05 -0.48
C VAL B 150 -5.80 21.60 -1.88
N ALA B 151 -6.73 20.96 -2.60
CA ALA B 151 -6.45 20.44 -3.94
C ALA B 151 -7.04 21.30 -5.08
N LEU B 152 -6.24 21.56 -6.11
CA LEU B 152 -6.68 22.28 -7.32
C LEU B 152 -6.29 21.42 -8.50
N GLY B 153 -7.11 21.44 -9.54
CA GLY B 153 -6.83 20.63 -10.71
C GLY B 153 -8.04 20.16 -11.47
N ASP B 154 -7.92 18.95 -12.03
CA ASP B 154 -8.94 18.37 -12.92
C ASP B 154 -9.46 17.00 -12.39
N SER B 155 -9.86 16.08 -13.30
CA SER B 155 -10.42 14.79 -12.93
C SER B 155 -9.42 13.87 -12.26
N LEU B 156 -8.14 14.19 -12.28
CA LEU B 156 -7.19 13.35 -11.56
C LEU B 156 -7.23 13.65 -10.03
N SER B 157 -7.93 14.74 -9.64
CA SER B 157 -8.06 15.16 -8.24
C SER B 157 -9.48 15.36 -7.76
N ASP B 158 -10.44 15.58 -8.68
CA ASP B 158 -11.81 15.87 -8.28
C ASP B 158 -12.42 14.79 -7.41
N THR B 159 -12.98 15.19 -6.26
CA THR B 159 -13.63 14.27 -5.30
C THR B 159 -15.16 14.39 -5.34
N GLY B 160 -15.71 15.26 -6.18
CA GLY B 160 -17.16 15.38 -6.31
C GLY B 160 -17.75 16.73 -6.72
N ASN B 161 -16.92 17.67 -7.26
CA ASN B 161 -17.43 18.99 -7.68
C ASN B 161 -18.30 18.97 -8.95
N ILE B 162 -17.84 18.29 -10.02
CA ILE B 162 -18.63 18.24 -11.26
C ILE B 162 -19.85 17.31 -11.06
N PHE B 163 -19.72 16.30 -10.19
CA PHE B 163 -20.82 15.42 -9.82
C PHE B 163 -21.99 16.28 -9.25
N ASN B 164 -21.70 17.19 -8.28
CA ASN B 164 -22.70 18.09 -7.70
C ASN B 164 -23.29 19.00 -8.78
N ALA B 165 -22.43 19.63 -9.59
CA ALA B 165 -22.83 20.52 -10.68
C ALA B 165 -23.72 19.83 -11.75
N SER B 166 -23.65 18.47 -11.85
CA SER B 166 -24.41 17.70 -12.82
C SER B 166 -25.65 16.99 -12.25
N GLN B 167 -26.02 17.27 -10.97
CA GLN B 167 -27.18 16.68 -10.26
C GLN B 167 -26.96 15.18 -10.01
N TRP B 168 -25.69 14.79 -9.70
CA TRP B 168 -25.27 13.42 -9.39
C TRP B 168 -25.39 12.46 -10.60
N ARG B 169 -25.20 13.02 -11.83
CA ARG B 169 -25.32 12.25 -13.09
C ARG B 169 -24.00 12.01 -13.80
N PHE B 170 -23.10 13.01 -13.81
CA PHE B 170 -21.80 12.95 -14.46
C PHE B 170 -20.68 13.04 -13.40
N PRO B 171 -19.90 11.97 -13.12
CA PRO B 171 -19.96 10.61 -13.72
C PRO B 171 -20.98 9.71 -13.07
N ASN B 172 -21.56 8.77 -13.86
CA ASN B 172 -22.60 7.83 -13.41
C ASN B 172 -22.18 7.16 -12.11
N PRO B 173 -22.98 7.34 -11.03
CA PRO B 173 -22.60 6.80 -9.70
C PRO B 173 -22.61 5.26 -9.56
N ASN B 174 -23.04 4.49 -10.57
CA ASN B 174 -22.98 3.04 -10.49
C ASN B 174 -21.65 2.51 -11.04
N SER B 175 -21.01 3.28 -11.96
CA SER B 175 -19.77 2.87 -12.61
C SER B 175 -18.53 3.74 -12.27
N TRP B 176 -18.74 4.88 -11.58
CA TRP B 176 -17.71 5.77 -11.06
C TRP B 176 -18.05 6.05 -9.62
N PHE B 177 -17.05 5.97 -8.73
CA PHE B 177 -17.22 6.12 -7.28
C PHE B 177 -17.60 7.52 -6.83
N LEU B 178 -18.90 7.71 -6.53
CA LEU B 178 -19.47 8.96 -6.01
C LEU B 178 -18.72 10.22 -6.46
N GLY B 179 -18.82 10.52 -7.74
CA GLY B 179 -18.25 11.73 -8.32
C GLY B 179 -16.76 11.74 -8.50
N HIS B 180 -16.07 10.65 -8.15
CA HIS B 180 -14.64 10.55 -8.41
C HIS B 180 -14.51 9.85 -9.78
N PHE B 181 -13.59 10.31 -10.65
CA PHE B 181 -13.38 9.66 -11.96
C PHE B 181 -12.45 8.43 -11.79
N SER B 182 -12.93 7.47 -11.00
CA SER B 182 -12.21 6.24 -10.67
C SER B 182 -13.21 5.30 -9.96
N ASN B 183 -12.73 4.11 -9.55
CA ASN B 183 -13.53 3.16 -8.80
C ASN B 183 -13.42 3.35 -7.28
N GLY B 184 -12.75 4.43 -6.86
CA GLY B 184 -12.57 4.77 -5.45
C GLY B 184 -11.85 6.10 -5.29
N PHE B 185 -11.14 6.23 -4.16
CA PHE B 185 -10.39 7.43 -3.80
C PHE B 185 -9.33 7.82 -4.83
N VAL B 186 -9.06 9.13 -4.93
CA VAL B 186 -8.03 9.64 -5.84
C VAL B 186 -6.75 9.85 -5.01
N TRP B 187 -5.61 10.13 -5.66
CA TRP B 187 -4.32 10.30 -5.01
C TRP B 187 -4.30 11.29 -3.84
N THR B 188 -5.01 12.44 -3.94
CA THR B 188 -5.02 13.48 -2.90
C THR B 188 -5.67 12.92 -1.63
N GLU B 189 -6.73 12.10 -1.79
CA GLU B 189 -7.41 11.48 -0.66
C GLU B 189 -6.48 10.49 0.02
N TYR B 190 -5.72 9.69 -0.74
CA TYR B 190 -4.78 8.75 -0.10
C TYR B 190 -3.66 9.49 0.66
N VAL B 191 -3.10 10.57 0.06
CA VAL B 191 -2.07 11.40 0.69
C VAL B 191 -2.61 11.99 2.00
N ALA B 192 -3.75 12.70 1.95
CA ALA B 192 -4.38 13.33 3.13
C ALA B 192 -4.67 12.28 4.25
N LYS B 193 -5.22 11.11 3.88
CA LYS B 193 -5.50 10.04 4.84
C LYS B 193 -4.25 9.50 5.49
N ALA B 194 -3.16 9.34 4.70
CA ALA B 194 -1.86 8.84 5.19
C ALA B 194 -1.31 9.75 6.29
N LYS B 195 -1.56 11.05 6.17
CA LYS B 195 -1.09 12.07 7.10
C LYS B 195 -2.16 12.49 8.10
N ASN B 196 -3.37 11.86 8.05
CA ASN B 196 -4.53 12.15 8.90
C ASN B 196 -4.89 13.65 8.82
N LEU B 197 -4.96 14.17 7.59
CA LEU B 197 -5.25 15.58 7.37
C LEU B 197 -6.58 15.74 6.68
N PRO B 198 -7.39 16.78 6.97
CA PRO B 198 -8.58 16.99 6.14
C PRO B 198 -8.12 17.43 4.74
N LEU B 199 -8.94 17.12 3.74
CA LEU B 199 -8.71 17.48 2.36
C LEU B 199 -9.91 18.32 1.89
N TYR B 200 -9.64 19.51 1.37
CA TYR B 200 -10.67 20.39 0.82
C TYR B 200 -10.38 20.54 -0.66
N ASN B 201 -11.32 20.06 -1.47
CA ASN B 201 -11.16 19.96 -2.93
C ASN B 201 -11.82 21.06 -3.78
N TRP B 202 -11.00 21.70 -4.62
CA TRP B 202 -11.48 22.67 -5.60
C TRP B 202 -11.33 22.16 -7.03
N ALA B 203 -10.64 21.01 -7.22
CA ALA B 203 -10.43 20.39 -8.53
C ALA B 203 -11.76 20.01 -9.16
N VAL B 204 -11.90 20.26 -10.46
CA VAL B 204 -13.18 20.01 -11.15
C VAL B 204 -12.91 19.10 -12.32
N GLY B 205 -13.58 17.94 -12.38
CA GLY B 205 -13.41 17.07 -13.54
C GLY B 205 -13.66 17.83 -14.84
N GLY B 206 -12.78 17.64 -15.82
CA GLY B 206 -12.84 18.31 -17.10
C GLY B 206 -12.23 19.71 -17.17
N ALA B 207 -11.77 20.26 -16.02
CA ALA B 207 -11.19 21.60 -15.93
C ALA B 207 -9.92 21.83 -16.75
N ALA B 208 -9.86 22.99 -17.44
CA ALA B 208 -8.73 23.56 -18.19
C ALA B 208 -8.21 24.72 -17.28
N GLY B 209 -7.21 25.44 -17.73
CA GLY B 209 -6.64 26.57 -16.99
C GLY B 209 -7.57 27.76 -16.93
N GLU B 210 -8.47 27.85 -17.91
CA GLU B 210 -9.45 28.93 -18.01
C GLU B 210 -10.82 28.32 -18.32
N ASN B 211 -11.88 29.11 -18.11
CA ASN B 211 -13.26 28.73 -18.40
C ASN B 211 -13.48 28.45 -19.88
N GLN B 212 -14.16 27.34 -20.16
CA GLN B 212 -14.46 26.96 -21.53
C GLN B 212 -15.97 27.07 -21.78
N TYR B 213 -16.36 27.50 -23.00
CA TYR B 213 -17.75 27.70 -23.42
C TYR B 213 -18.58 28.45 -22.34
N ILE B 214 -17.88 29.40 -21.64
CA ILE B 214 -18.35 30.32 -20.58
C ILE B 214 -18.60 29.58 -19.23
N ALA B 215 -19.39 28.47 -19.27
CA ALA B 215 -19.84 27.73 -18.08
C ALA B 215 -18.85 26.73 -17.51
N LEU B 216 -18.05 26.04 -18.35
CA LEU B 216 -17.10 25.03 -17.86
C LEU B 216 -15.95 25.67 -17.05
N THR B 217 -16.07 25.65 -15.71
CA THR B 217 -15.15 26.23 -14.70
C THR B 217 -13.71 25.68 -14.82
N GLY B 218 -12.73 26.60 -14.86
CA GLY B 218 -11.31 26.27 -14.92
C GLY B 218 -10.55 26.61 -13.64
N VAL B 219 -9.21 26.34 -13.61
CA VAL B 219 -8.30 26.55 -12.45
C VAL B 219 -8.27 28.00 -11.94
N GLY B 220 -8.34 29.00 -12.83
CA GLY B 220 -8.36 30.41 -12.36
C GLY B 220 -9.57 30.64 -11.47
N GLU B 221 -10.76 30.10 -11.86
CA GLU B 221 -12.00 30.18 -11.08
C GLU B 221 -11.88 29.36 -9.79
N GLN B 222 -11.11 28.23 -9.80
CA GLN B 222 -10.84 27.42 -8.61
C GLN B 222 -10.03 28.24 -7.57
N VAL B 223 -8.97 28.92 -8.01
CA VAL B 223 -8.16 29.77 -7.12
C VAL B 223 -9.04 30.89 -6.55
N SER B 224 -9.90 31.52 -7.38
CA SER B 224 -10.75 32.64 -6.94
C SER B 224 -11.74 32.13 -5.91
N SER B 225 -12.29 30.93 -6.15
CA SER B 225 -13.25 30.29 -5.26
C SER B 225 -12.59 30.01 -3.93
N TYR B 226 -11.38 29.41 -3.94
CA TYR B 226 -10.61 29.11 -2.72
C TYR B 226 -10.37 30.40 -1.90
N LEU B 227 -9.98 31.48 -2.56
CA LEU B 227 -9.73 32.78 -1.90
C LEU B 227 -10.99 33.36 -1.30
N THR B 228 -12.13 33.18 -1.97
CA THR B 228 -13.41 33.67 -1.54
C THR B 228 -13.89 32.88 -0.30
N TYR B 229 -13.94 31.54 -0.39
CA TYR B 229 -14.36 30.71 0.72
C TYR B 229 -13.44 30.80 1.96
N THR B 230 -12.12 30.96 1.79
CA THR B 230 -11.24 30.97 2.98
C THR B 230 -11.26 32.29 3.73
N LYS B 231 -11.84 33.34 3.13
CA LYS B 231 -12.02 34.63 3.80
C LYS B 231 -13.09 34.45 4.92
N LEU B 232 -14.06 33.51 4.71
CA LEU B 232 -15.13 33.20 5.67
C LEU B 232 -14.71 32.21 6.75
N ALA B 233 -13.56 31.51 6.58
CA ALA B 233 -13.04 30.57 7.58
C ALA B 233 -12.51 31.37 8.77
N LYS B 234 -12.58 30.76 9.95
CA LYS B 234 -12.09 31.39 11.16
C LYS B 234 -10.65 30.93 11.40
N ASN B 235 -9.79 31.87 11.88
CA ASN B 235 -8.39 31.61 12.24
C ASN B 235 -7.60 30.93 11.10
N TYR B 236 -7.87 31.35 9.86
CA TYR B 236 -7.23 30.71 8.71
C TYR B 236 -5.82 31.23 8.47
N ASN B 237 -4.84 30.34 8.56
CA ASN B 237 -3.45 30.64 8.27
C ASN B 237 -3.03 29.88 7.00
N PRO B 238 -2.91 30.57 5.83
CA PRO B 238 -2.54 29.88 4.58
C PRO B 238 -1.19 29.16 4.60
N ALA B 239 -0.25 29.57 5.49
CA ALA B 239 1.06 28.93 5.65
C ALA B 239 0.94 27.45 6.13
N ASN B 240 -0.22 27.05 6.70
CA ASN B 240 -0.47 25.71 7.24
C ASN B 240 -1.28 24.81 6.31
N THR B 241 -1.41 25.24 5.04
CA THR B 241 -2.13 24.48 4.03
C THR B 241 -1.12 23.81 3.10
N LEU B 242 -1.32 22.53 2.82
CA LEU B 242 -0.52 21.85 1.80
C LEU B 242 -1.34 21.94 0.54
N PHE B 243 -0.82 22.66 -0.48
CA PHE B 243 -1.52 22.80 -1.75
C PHE B 243 -1.07 21.75 -2.75
N THR B 244 -2.03 21.14 -3.43
CA THR B 244 -1.73 20.20 -4.52
C THR B 244 -2.24 20.86 -5.77
N LEU B 245 -1.44 20.76 -6.85
CA LEU B 245 -1.85 21.35 -8.12
C LEU B 245 -1.44 20.45 -9.27
N GLU B 246 -2.40 20.17 -10.17
CA GLU B 246 -2.14 19.42 -11.40
C GLU B 246 -3.21 19.83 -12.42
N PHE B 247 -2.85 20.19 -13.66
CA PHE B 247 -3.80 20.47 -14.75
C PHE B 247 -2.99 20.60 -16.03
N GLY B 248 -3.68 20.71 -17.15
CA GLY B 248 -3.04 20.88 -18.45
C GLY B 248 -3.48 19.82 -19.43
N LEU B 249 -3.80 18.60 -18.95
CA LEU B 249 -4.21 17.52 -19.85
C LEU B 249 -5.56 17.78 -20.56
N ASN B 250 -6.61 18.33 -19.91
CA ASN B 250 -7.84 18.66 -20.67
C ASN B 250 -7.59 19.77 -21.68
N ASP B 251 -6.77 20.78 -21.28
CA ASP B 251 -6.42 21.90 -22.15
C ASP B 251 -5.85 21.38 -23.45
N PHE B 252 -4.89 20.45 -23.37
CA PHE B 252 -4.21 19.82 -24.51
C PHE B 252 -5.10 18.81 -25.26
N MET B 253 -5.80 17.91 -24.54
CA MET B 253 -6.62 16.83 -25.14
C MET B 253 -7.94 17.31 -25.72
N ASN B 254 -8.69 18.10 -24.97
CA ASN B 254 -10.05 18.50 -25.37
C ASN B 254 -10.21 19.90 -25.95
N TYR B 255 -9.38 20.89 -25.54
CA TYR B 255 -9.57 22.26 -26.04
C TYR B 255 -8.49 22.77 -27.01
N ASN B 256 -7.52 21.88 -27.41
CA ASN B 256 -6.41 22.18 -28.32
C ASN B 256 -5.74 23.50 -27.93
N ARG B 257 -5.47 23.67 -26.61
CA ARG B 257 -4.86 24.92 -26.13
C ARG B 257 -3.37 24.89 -26.40
N SER B 258 -2.80 26.06 -26.64
CA SER B 258 -1.37 26.14 -26.91
C SER B 258 -0.62 25.94 -25.58
N VAL B 259 0.64 25.50 -25.67
CA VAL B 259 1.56 25.32 -24.57
C VAL B 259 1.74 26.69 -23.82
N PRO B 260 2.01 27.84 -24.49
CA PRO B 260 2.18 29.07 -23.70
C PRO B 260 0.96 29.48 -22.87
N GLU B 261 -0.25 29.27 -23.38
CA GLU B 261 -1.42 29.70 -22.60
C GLU B 261 -1.70 28.77 -21.38
N VAL B 262 -1.28 27.49 -21.43
CA VAL B 262 -1.41 26.56 -20.30
C VAL B 262 -0.31 26.87 -19.27
N LYS B 263 0.91 27.13 -19.74
CA LYS B 263 2.04 27.57 -18.91
C LYS B 263 1.65 28.84 -18.16
N ALA B 264 1.04 29.83 -18.85
CA ALA B 264 0.64 31.09 -18.23
C ALA B 264 -0.40 30.89 -17.15
N ASP B 265 -1.36 29.97 -17.36
CA ASP B 265 -2.37 29.66 -16.33
C ASP B 265 -1.71 29.01 -15.11
N TYR B 266 -0.77 28.09 -15.33
CA TYR B 266 -0.08 27.39 -14.26
C TYR B 266 0.72 28.38 -13.43
N ALA B 267 1.51 29.22 -14.09
CA ALA B 267 2.29 30.27 -13.42
C ALA B 267 1.37 31.21 -12.65
N GLU B 268 0.21 31.61 -13.25
CA GLU B 268 -0.77 32.52 -12.62
C GLU B 268 -1.31 31.94 -11.32
N ALA B 269 -1.66 30.63 -11.32
CA ALA B 269 -2.17 29.95 -10.12
C ALA B 269 -1.15 30.02 -8.99
N LEU B 270 0.14 29.72 -9.27
CA LEU B 270 1.20 29.81 -8.24
C LEU B 270 1.45 31.26 -7.79
N ILE B 271 1.39 32.22 -8.71
CA ILE B 271 1.57 33.65 -8.35
C ILE B 271 0.43 34.05 -7.38
N ARG B 272 -0.82 33.78 -7.78
CA ARG B 272 -2.00 34.11 -6.99
C ARG B 272 -1.97 33.44 -5.61
N LEU B 273 -1.67 32.13 -5.55
CA LEU B 273 -1.61 31.41 -4.28
C LEU B 273 -0.51 31.90 -3.37
N THR B 274 0.75 32.07 -3.89
CA THR B 274 1.87 32.55 -3.05
C THR B 274 1.65 34.00 -2.59
N ASP B 275 0.96 34.83 -3.40
CA ASP B 275 0.66 36.21 -3.00
C ASP B 275 -0.39 36.23 -1.89
N ALA B 276 -1.18 35.14 -1.78
CA ALA B 276 -2.21 34.96 -0.77
C ALA B 276 -1.72 34.15 0.45
N GLY B 277 -0.40 34.08 0.64
CA GLY B 277 0.23 33.41 1.78
C GLY B 277 0.53 31.92 1.67
N ALA B 278 0.31 31.29 0.51
CA ALA B 278 0.62 29.86 0.34
C ALA B 278 2.13 29.65 0.40
N LYS B 279 2.58 28.60 1.10
CA LYS B 279 4.02 28.34 1.30
C LYS B 279 4.44 26.90 0.93
N ASN B 280 3.48 25.97 0.90
CA ASN B 280 3.72 24.52 0.75
C ASN B 280 2.98 23.94 -0.41
N PHE B 281 3.74 23.35 -1.35
CA PHE B 281 3.17 22.79 -2.58
C PHE B 281 3.67 21.41 -2.94
N MET B 282 2.71 20.57 -3.39
CA MET B 282 2.96 19.28 -4.00
C MET B 282 2.67 19.48 -5.48
N LEU B 283 3.75 19.54 -6.26
CA LEU B 283 3.70 19.74 -7.70
C LEU B 283 4.06 18.44 -8.41
N MET B 284 3.56 18.29 -9.62
CA MET B 284 3.80 17.07 -10.36
C MET B 284 3.81 17.25 -11.85
N THR B 285 4.64 16.45 -12.51
CA THR B 285 4.71 16.41 -13.97
C THR B 285 3.49 15.66 -14.49
N LEU B 286 3.10 15.97 -15.71
CA LEU B 286 1.91 15.37 -16.31
C LEU B 286 2.26 14.04 -16.93
N PRO B 287 1.51 12.97 -16.58
CA PRO B 287 1.74 11.69 -17.26
C PRO B 287 1.43 11.81 -18.75
N ASP B 288 2.10 11.03 -19.60
CA ASP B 288 1.80 11.05 -21.02
C ASP B 288 0.42 10.40 -21.23
N ALA B 289 -0.61 11.25 -21.24
CA ALA B 289 -2.00 10.88 -21.42
C ALA B 289 -2.25 10.08 -22.70
N THR B 290 -1.38 10.23 -23.72
CA THR B 290 -1.52 9.49 -24.98
C THR B 290 -1.34 7.98 -24.79
N LYS B 291 -0.84 7.52 -23.64
CA LYS B 291 -0.68 6.08 -23.36
C LYS B 291 -1.99 5.50 -22.79
N ALA B 292 -3.01 6.35 -22.54
CA ALA B 292 -4.31 5.92 -22.04
C ALA B 292 -5.11 5.19 -23.14
N PRO B 293 -6.01 4.24 -22.79
CA PRO B 293 -6.76 3.53 -23.85
C PRO B 293 -7.60 4.41 -24.77
N GLN B 294 -7.98 5.65 -24.39
CA GLN B 294 -8.76 6.48 -25.32
C GLN B 294 -7.99 6.84 -26.62
N PHE B 295 -6.66 6.81 -26.57
CA PHE B 295 -5.83 7.16 -27.72
C PHE B 295 -5.68 6.02 -28.75
N LYS B 296 -6.21 4.82 -28.43
CA LYS B 296 -6.28 3.71 -29.39
C LYS B 296 -7.16 4.19 -30.56
N TYR B 297 -8.12 5.10 -30.26
CA TYR B 297 -9.10 5.67 -31.20
C TYR B 297 -8.72 7.04 -31.75
N SER B 298 -7.52 7.52 -31.44
CA SER B 298 -7.05 8.80 -31.98
C SER B 298 -6.06 8.57 -33.10
N THR B 299 -5.92 9.58 -33.98
CA THR B 299 -4.98 9.51 -35.09
C THR B 299 -3.57 9.75 -34.54
N GLN B 300 -2.53 9.21 -35.22
CA GLN B 300 -1.13 9.38 -34.80
C GLN B 300 -0.72 10.85 -34.71
N GLU B 301 -1.20 11.68 -35.65
CA GLU B 301 -0.96 13.13 -35.69
C GLU B 301 -1.49 13.81 -34.41
N GLU B 302 -2.71 13.41 -33.94
CA GLU B 302 -3.30 13.91 -32.71
C GLU B 302 -2.41 13.50 -31.52
N ILE B 303 -1.96 12.21 -31.49
CA ILE B 303 -1.11 11.65 -30.41
C ILE B 303 0.22 12.38 -30.28
N GLU B 304 0.94 12.52 -31.39
CA GLU B 304 2.23 13.19 -31.43
C GLU B 304 2.14 14.67 -30.98
N THR B 305 1.06 15.37 -31.37
CA THR B 305 0.83 16.78 -30.97
C THR B 305 0.64 16.84 -29.44
N ILE B 306 -0.22 15.97 -28.87
CA ILE B 306 -0.48 15.97 -27.43
C ILE B 306 0.78 15.57 -26.64
N ARG B 307 1.48 14.48 -27.06
CA ARG B 307 2.70 14.03 -26.39
C ARG B 307 3.74 15.14 -26.31
N ALA B 308 3.95 15.88 -27.42
CA ALA B 308 4.93 16.98 -27.50
C ALA B 308 4.56 18.13 -26.54
N LYS B 309 3.25 18.47 -26.44
CA LYS B 309 2.80 19.54 -25.54
C LYS B 309 3.03 19.15 -24.08
N VAL B 310 2.79 17.86 -23.74
CA VAL B 310 3.00 17.31 -22.40
C VAL B 310 4.48 17.43 -22.01
N LEU B 311 5.39 17.07 -22.94
CA LEU B 311 6.83 17.18 -22.69
C LEU B 311 7.27 18.61 -22.41
N LYS B 312 6.75 19.57 -23.18
CA LYS B 312 7.08 20.98 -23.02
C LYS B 312 6.55 21.53 -21.69
N MET B 313 5.33 21.16 -21.36
CA MET B 313 4.68 21.56 -20.11
C MET B 313 5.46 21.02 -18.89
N ASN B 314 5.95 19.76 -18.98
CA ASN B 314 6.71 19.12 -17.91
C ASN B 314 8.01 19.82 -17.60
N GLU B 315 8.70 20.33 -18.64
CA GLU B 315 9.93 21.10 -18.47
C GLU B 315 9.62 22.41 -17.74
N PHE B 316 8.48 23.06 -18.06
CA PHE B 316 8.01 24.30 -17.42
C PHE B 316 7.62 24.03 -15.96
N ILE B 317 6.94 22.90 -15.69
CA ILE B 317 6.59 22.52 -14.33
C ILE B 317 7.85 22.40 -13.47
N LYS B 318 8.90 21.76 -13.98
CA LYS B 318 10.17 21.60 -13.26
C LYS B 318 10.85 22.97 -13.01
N ALA B 319 10.85 23.86 -14.02
CA ALA B 319 11.41 25.22 -13.91
C ALA B 319 10.67 26.01 -12.83
N GLN B 320 9.32 25.92 -12.80
CA GLN B 320 8.46 26.58 -11.81
C GLN B 320 8.74 26.06 -10.40
N ALA B 321 8.82 24.71 -10.22
CA ALA B 321 9.15 24.09 -8.91
C ALA B 321 10.51 24.65 -8.40
N MET B 322 11.53 24.70 -9.29
CA MET B 322 12.86 25.24 -8.99
C MET B 322 12.81 26.73 -8.67
N TYR B 323 11.97 27.49 -9.40
CA TYR B 323 11.80 28.95 -9.23
C TYR B 323 11.27 29.26 -7.82
N TYR B 324 10.22 28.54 -7.40
CA TYR B 324 9.65 28.73 -6.06
C TYR B 324 10.56 28.19 -4.94
N LYS B 325 11.24 27.07 -5.18
CA LYS B 325 12.22 26.48 -4.26
C LYS B 325 13.37 27.49 -3.98
N ALA B 326 13.90 28.14 -5.05
CA ALA B 326 14.96 29.16 -4.95
C ALA B 326 14.52 30.35 -4.07
N GLN B 327 13.21 30.62 -4.02
CA GLN B 327 12.66 31.72 -3.23
C GLN B 327 12.35 31.38 -1.76
N GLY B 328 12.53 30.11 -1.37
CA GLY B 328 12.30 29.68 0.01
C GLY B 328 10.98 29.00 0.30
N TYR B 329 10.19 28.71 -0.75
CA TYR B 329 8.92 28.02 -0.60
C TYR B 329 9.19 26.53 -0.42
N ASN B 330 8.26 25.82 0.22
CA ASN B 330 8.37 24.38 0.42
C ASN B 330 7.70 23.69 -0.75
N ILE B 331 8.54 23.14 -1.63
CA ILE B 331 8.04 22.51 -2.85
C ILE B 331 8.42 21.04 -2.93
N ALA B 332 7.44 20.20 -3.19
CA ALA B 332 7.71 18.79 -3.42
C ALA B 332 7.34 18.56 -4.86
N LEU B 333 8.30 18.13 -5.68
CA LEU B 333 8.03 17.84 -7.08
C LEU B 333 8.11 16.34 -7.34
N PHE B 334 6.99 15.74 -7.80
CA PHE B 334 6.93 14.32 -8.12
C PHE B 334 6.85 14.13 -9.63
N ASP B 335 7.72 13.27 -10.18
CA ASP B 335 7.73 12.99 -11.60
C ASP B 335 6.71 11.89 -11.92
N THR B 336 5.42 12.27 -12.02
CA THR B 336 4.37 11.32 -12.37
C THR B 336 4.57 10.80 -13.80
N HIS B 337 5.16 11.62 -14.69
CA HIS B 337 5.45 11.23 -16.09
C HIS B 337 6.33 10.00 -16.15
N ALA B 338 7.47 10.02 -15.41
CA ALA B 338 8.42 8.93 -15.35
C ALA B 338 7.83 7.70 -14.70
N LEU B 339 6.99 7.87 -13.65
CA LEU B 339 6.31 6.74 -13.01
C LEU B 339 5.37 6.08 -14.00
N PHE B 340 4.56 6.89 -14.71
CA PHE B 340 3.58 6.41 -15.67
C PHE B 340 4.21 5.68 -16.85
N GLU B 341 5.39 6.13 -17.34
CA GLU B 341 6.17 5.47 -18.40
C GLU B 341 6.53 4.05 -17.95
N LYS B 342 6.96 3.88 -16.67
CA LYS B 342 7.34 2.57 -16.11
C LYS B 342 6.11 1.68 -15.93
N LEU B 343 4.99 2.27 -15.52
CA LEU B 343 3.68 1.61 -15.33
C LEU B 343 3.10 1.04 -16.64
N THR B 344 3.17 1.81 -17.73
CA THR B 344 2.59 1.42 -19.02
C THR B 344 3.46 0.42 -19.76
N SER B 345 4.79 0.46 -19.58
CA SER B 345 5.75 -0.41 -20.23
C SER B 345 5.95 -1.76 -19.50
N ALA B 346 5.89 -1.74 -18.16
CA ALA B 346 6.03 -2.96 -17.37
C ALA B 346 4.99 -3.01 -16.23
N PRO B 347 3.66 -3.18 -16.51
CA PRO B 347 2.68 -3.22 -15.40
C PRO B 347 2.93 -4.38 -14.42
N GLU B 348 3.48 -5.52 -14.92
CA GLU B 348 3.78 -6.72 -14.13
C GLU B 348 4.86 -6.48 -13.08
N GLU B 349 5.57 -5.36 -13.14
CA GLU B 349 6.61 -5.01 -12.18
C GLU B 349 6.09 -4.09 -11.06
N HIS B 350 4.86 -3.60 -11.21
CA HIS B 350 4.27 -2.63 -10.29
C HIS B 350 2.93 -3.04 -9.67
N GLY B 351 2.61 -4.33 -9.72
CA GLY B 351 1.40 -4.87 -9.12
C GLY B 351 0.19 -4.94 -10.04
N PHE B 352 0.40 -4.83 -11.38
CA PHE B 352 -0.72 -4.82 -12.33
C PHE B 352 -0.58 -5.88 -13.42
N VAL B 353 -1.70 -6.33 -13.98
CA VAL B 353 -1.69 -7.33 -15.06
C VAL B 353 -1.95 -6.65 -16.43
N ASN B 354 -2.62 -5.50 -16.42
CA ASN B 354 -3.01 -4.81 -17.65
C ASN B 354 -2.86 -3.30 -17.53
N ALA B 355 -2.11 -2.68 -18.48
CA ALA B 355 -1.89 -1.23 -18.55
C ALA B 355 -2.40 -0.67 -19.89
N SER B 356 -3.03 -1.52 -20.75
CA SER B 356 -3.48 -1.10 -22.08
C SER B 356 -5.00 -0.90 -22.23
N ASP B 357 -5.83 -1.67 -21.50
CA ASP B 357 -7.30 -1.60 -21.57
C ASP B 357 -7.96 -0.99 -20.33
N PRO B 358 -9.18 -0.38 -20.47
CA PRO B 358 -9.92 0.05 -19.28
C PRO B 358 -10.43 -1.16 -18.48
N CYS B 359 -10.60 -1.01 -17.18
CA CYS B 359 -11.20 -2.11 -16.44
C CYS B 359 -12.68 -2.26 -16.90
N LEU B 360 -13.37 -1.11 -17.11
CA LEU B 360 -14.75 -1.11 -17.61
C LEU B 360 -14.78 -1.52 -19.09
N ASP B 361 -15.87 -2.15 -19.53
CA ASP B 361 -16.01 -2.61 -20.91
C ASP B 361 -16.42 -1.45 -21.84
N ILE B 362 -15.53 -0.46 -21.96
CA ILE B 362 -15.68 0.75 -22.80
C ILE B 362 -14.69 0.62 -23.93
N ASN B 363 -15.19 0.58 -25.17
CA ASN B 363 -14.37 0.29 -26.35
C ASN B 363 -14.43 1.38 -27.43
N ARG B 364 -14.51 2.63 -26.97
CA ARG B 364 -14.57 3.85 -27.77
C ARG B 364 -14.22 4.98 -26.82
N SER B 365 -14.03 6.18 -27.37
CA SER B 365 -13.79 7.39 -26.60
C SER B 365 -14.92 8.36 -26.87
N SER B 366 -15.88 8.36 -25.96
CA SER B 366 -17.04 9.23 -26.03
C SER B 366 -17.36 9.74 -24.63
N SER B 367 -17.43 11.06 -24.47
CA SER B 367 -17.80 11.69 -23.20
C SER B 367 -19.23 11.32 -22.73
N VAL B 368 -20.08 10.83 -23.65
CA VAL B 368 -21.45 10.42 -23.29
C VAL B 368 -21.42 9.13 -22.45
N ASP B 369 -20.33 8.34 -22.52
CA ASP B 369 -20.19 7.10 -21.75
C ASP B 369 -20.17 7.35 -20.23
N TYR B 370 -19.79 8.56 -19.80
CA TYR B 370 -19.82 8.95 -18.38
C TYR B 370 -21.24 9.01 -17.79
N MET B 371 -22.28 8.99 -18.66
CA MET B 371 -23.70 9.04 -18.29
C MET B 371 -24.27 7.66 -18.01
N TYR B 372 -23.55 6.59 -18.38
CA TYR B 372 -24.07 5.25 -18.25
C TYR B 372 -23.34 4.33 -17.32
N THR B 373 -24.01 3.18 -17.04
CA THR B 373 -23.52 2.06 -16.26
C THR B 373 -22.81 1.16 -17.26
N HIS B 374 -21.65 0.62 -16.88
CA HIS B 374 -20.85 -0.26 -17.71
C HIS B 374 -20.45 -1.47 -16.89
N SER B 375 -20.45 -2.64 -17.52
CA SER B 375 -19.94 -3.82 -16.86
C SER B 375 -18.42 -3.77 -16.94
N LEU B 376 -17.73 -4.55 -16.11
CA LEU B 376 -16.28 -4.69 -16.15
C LEU B 376 -16.00 -5.66 -17.29
N ARG B 377 -14.94 -5.44 -18.11
CA ARG B 377 -14.64 -6.44 -19.15
C ARG B 377 -14.18 -7.69 -18.41
N SER B 378 -14.28 -8.86 -19.07
CA SER B 378 -13.94 -10.16 -18.49
C SER B 378 -12.60 -10.21 -17.79
N GLU B 379 -11.52 -9.74 -18.46
CA GLU B 379 -10.17 -9.75 -17.90
C GLU B 379 -10.11 -9.05 -16.55
N CYS B 380 -10.85 -7.91 -16.42
CA CYS B 380 -10.86 -7.15 -15.18
C CYS B 380 -11.70 -7.78 -14.12
N ALA B 381 -12.88 -8.34 -14.50
CA ALA B 381 -13.75 -9.09 -13.60
C ALA B 381 -12.93 -10.25 -12.97
N ALA B 382 -12.11 -10.93 -13.78
CA ALA B 382 -11.26 -12.05 -13.36
C ALA B 382 -10.09 -11.64 -12.46
N SER B 383 -9.28 -10.65 -12.89
CA SER B 383 -8.10 -10.22 -12.11
C SER B 383 -8.45 -9.33 -10.90
N GLY B 384 -9.57 -8.63 -10.99
CA GLY B 384 -9.99 -7.64 -10.01
C GLY B 384 -9.49 -6.27 -10.46
N ALA B 385 -10.22 -5.19 -10.16
CA ALA B 385 -9.88 -3.81 -10.54
C ALA B 385 -8.53 -3.30 -9.99
N ASP B 386 -8.05 -3.88 -8.87
CA ASP B 386 -6.77 -3.48 -8.29
C ASP B 386 -5.56 -3.92 -9.13
N LYS B 387 -5.79 -4.76 -10.19
CA LYS B 387 -4.73 -5.22 -11.10
C LYS B 387 -4.75 -4.51 -12.48
N PHE B 388 -5.63 -3.52 -12.68
CA PHE B 388 -5.67 -2.75 -13.91
C PHE B 388 -5.16 -1.37 -13.60
N VAL B 389 -4.41 -0.76 -14.54
CA VAL B 389 -3.90 0.61 -14.37
C VAL B 389 -5.05 1.60 -14.57
N PHE B 390 -5.87 1.33 -15.60
CA PHE B 390 -6.97 2.20 -16.00
C PHE B 390 -8.32 1.68 -15.64
N TRP B 391 -9.18 2.59 -15.15
CA TRP B 391 -10.54 2.24 -14.77
C TRP B 391 -11.43 2.38 -16.00
N ASP B 392 -11.32 3.54 -16.67
CA ASP B 392 -12.09 3.85 -17.87
C ASP B 392 -11.06 4.11 -19.02
N VAL B 393 -11.46 4.72 -20.14
CA VAL B 393 -10.53 4.97 -21.26
C VAL B 393 -9.48 6.07 -20.96
N THR B 394 -9.67 6.85 -19.88
CA THR B 394 -8.77 7.97 -19.57
C THR B 394 -8.15 7.87 -18.18
N HIS B 395 -8.97 7.55 -17.19
CA HIS B 395 -8.67 7.64 -15.78
C HIS B 395 -8.11 6.40 -15.16
N PRO B 396 -7.20 6.61 -14.21
CA PRO B 396 -6.63 5.48 -13.49
C PRO B 396 -7.58 4.89 -12.44
N THR B 397 -7.37 3.62 -12.14
CA THR B 397 -8.12 2.95 -11.09
C THR B 397 -7.65 3.52 -9.74
N THR B 398 -8.37 3.20 -8.66
CA THR B 398 -8.00 3.67 -7.34
C THR B 398 -6.68 3.00 -6.87
N ALA B 399 -6.37 1.78 -7.37
CA ALA B 399 -5.10 1.11 -7.06
C ALA B 399 -3.96 1.97 -7.63
N THR B 400 -4.14 2.48 -8.87
CA THR B 400 -3.16 3.35 -9.50
C THR B 400 -2.98 4.63 -8.70
N HIS B 401 -4.11 5.26 -8.25
CA HIS B 401 -4.10 6.49 -7.47
C HIS B 401 -3.36 6.27 -6.15
N ARG B 402 -3.66 5.13 -5.45
CA ARG B 402 -2.99 4.72 -4.22
C ARG B 402 -1.50 4.58 -4.47
N TYR B 403 -1.11 3.86 -5.53
CA TYR B 403 0.29 3.67 -5.92
C TYR B 403 1.04 5.01 -6.19
N VAL B 404 0.35 5.98 -6.80
CA VAL B 404 0.96 7.29 -7.04
C VAL B 404 1.23 7.95 -5.67
N ALA B 405 0.24 7.94 -4.77
CA ALA B 405 0.38 8.43 -3.38
C ALA B 405 1.49 7.61 -2.62
N GLU B 406 1.51 6.27 -2.78
CA GLU B 406 2.47 5.31 -2.18
C GLU B 406 3.91 5.63 -2.61
N LYS B 407 4.15 5.83 -3.92
CA LYS B 407 5.48 6.11 -4.47
C LYS B 407 5.97 7.49 -4.06
N MET B 408 5.08 8.51 -4.15
CA MET B 408 5.33 9.90 -3.74
C MET B 408 5.93 9.92 -2.32
N LEU B 409 5.22 9.30 -1.36
CA LEU B 409 5.62 9.26 0.05
C LEU B 409 6.83 8.33 0.31
N GLU B 410 6.91 7.17 -0.37
CA GLU B 410 8.03 6.21 -0.26
C GLU B 410 9.36 6.85 -0.71
N SER B 411 9.33 7.58 -1.82
CA SER B 411 10.50 8.24 -2.39
C SER B 411 10.93 9.51 -1.60
N SER B 412 10.12 9.95 -0.62
CA SER B 412 10.41 11.16 0.16
C SER B 412 10.24 11.00 1.69
N ASN B 413 10.34 9.74 2.19
CA ASN B 413 10.22 9.32 3.60
C ASN B 413 8.96 9.87 4.33
N ASN B 414 7.79 9.74 3.67
CA ASN B 414 6.46 10.21 4.14
C ASN B 414 6.41 11.75 4.34
N LEU B 415 6.57 12.50 3.24
CA LEU B 415 6.54 13.96 3.13
C LEU B 415 7.45 14.68 4.14
N GLU B 416 8.78 14.60 3.90
CA GLU B 416 9.81 15.22 4.74
C GLU B 416 10.04 16.70 4.41
N GLU B 417 9.71 17.13 3.17
CA GLU B 417 9.85 18.49 2.64
C GLU B 417 9.05 19.54 3.45
N PHE B 418 7.94 19.12 4.09
CA PHE B 418 7.07 20.01 4.87
C PHE B 418 7.09 19.61 6.35
C1 HXA C . 12.53 -14.72 -5.14
O1 HXA C . 11.87 -14.95 -4.16
O2 HXA C . 12.07 -14.00 -6.11
C2 HXA C . 13.95 -15.18 -5.37
C3 HXA C . 14.49 -16.27 -4.42
C4 HXA C . 13.78 -17.58 -4.62
C5 HXA C . 14.31 -18.80 -4.61
C6 HXA C . 15.75 -19.19 -4.42
C7 HXA C . 16.04 -20.26 -5.42
C8 HXA C . 16.81 -21.33 -5.28
C9 HXA C . 17.63 -21.75 -4.08
C10 HXA C . 16.77 -22.65 -3.26
C11 HXA C . 17.06 -23.22 -2.11
C12 HXA C . 18.33 -23.09 -1.34
C13 HXA C . 18.27 -23.75 -0.01
C14 HXA C . 17.77 -23.27 1.11
C15 HXA C . 17.11 -21.96 1.32
C16 HXA C . 16.64 -21.91 2.74
C17 HXA C . 16.50 -20.84 3.50
C18 HXA C . 16.73 -19.41 3.10
C19 HXA C . 17.91 -18.82 3.79
C20 HXA C . 18.99 -18.30 3.24
C21 HXA C . 19.23 -18.21 1.75
C22 HXA C . 19.51 -16.81 1.29
N1 1PS D . -30.07 14.73 -5.07
C1 1PS D . -29.75 14.63 -6.38
C2 1PS D . -28.98 15.60 -6.99
C3 1PS D . -29.63 15.77 -4.33
C4 1PS D . -28.85 16.75 -4.90
C5 1PS D . -28.52 16.66 -6.24
C6 1PS D . -30.90 13.67 -4.43
C7 1PS D . -31.70 12.86 -5.43
C8 1PS D . -32.40 11.70 -4.74
S1 1PS D . -34.10 12.05 -4.34
O1 1PS D . -34.49 11.06 -3.34
O2 1PS D . -34.14 13.41 -3.83
O3 1PS D . -34.86 11.90 -5.58
N1 1PS E . -17.14 23.94 -2.95
C1 1PS E . -16.68 22.67 -2.99
C2 1PS E . -15.63 22.28 -2.17
C3 1PS E . -16.58 24.85 -2.12
C4 1PS E . -15.53 24.49 -1.29
C5 1PS E . -15.06 23.19 -1.32
C6 1PS E . -18.30 24.33 -3.78
C7 1PS E . -18.05 24.14 -5.27
C8 1PS E . -16.97 25.06 -5.83
S1 1PS E . -17.62 26.57 -6.52
O1 1PS E . -18.34 27.23 -5.45
O2 1PS E . -16.47 27.32 -6.98
O3 1PS E . -18.49 26.16 -7.61
MG MG F . -4.65 32.69 -18.72
#